data_3H4L
#
_entry.id   3H4L
#
_cell.length_a   75.592
_cell.length_b   103.288
_cell.length_c   117.167
_cell.angle_alpha   90.00
_cell.angle_beta   90.00
_cell.angle_gamma   90.00
#
_symmetry.space_group_name_H-M   'P 21 21 21'
#
loop_
_entity.id
_entity.type
_entity.pdbx_description
1 polymer 'DNA mismatch repair protein PMS1'
2 non-polymer 'PHOSPHOAMINOPHOSPHONIC ACID-ADENYLATE ESTER'
3 non-polymer 'MAGNESIUM ION'
4 water water
#
_entity_poly.entity_id   1
_entity_poly.type   'polypeptide(L)'
_entity_poly.pdbx_seq_one_letter_code
;GSMTQIHQINDIDVHRITSGQVITDLTTAVKELVDNSIDANANQIEIIFKDYGLESIECSDNGDGIDPSNYEFLALKHYT
SKIAKFQDVAKVQTLGFRGEALSSLCGIAKLSVITTTSPPKADKLEYDMVGHITSKTTTSRNKGTTVLVSQLFHNLPVRQ
KEFSKTFKRQFTKCLTVIQGYAIINAAIKFSVWNITPKGKKNLILSTMRNSSMRKNISSVFGAGGMRGLEEVDLVLDLNP
FKNRMLGKYTDDPDFLDLDYKIRVKGYISQNSFGCGRNSKDRQFIYVNKRPVEYSTLLKCCNEVYKTFNNVQFPAVFLNL
ELPMSLIDVNVTPDKRVILLHNERAVIDIFKTTLSDYYNRQELALPK
;
_entity_poly.pdbx_strand_id   A,B
#
loop_
_chem_comp.id
_chem_comp.type
_chem_comp.name
_chem_comp.formula
ANP non-polymer 'PHOSPHOAMINOPHOSPHONIC ACID-ADENYLATE ESTER' 'C10 H17 N6 O12 P3'
MG non-polymer 'MAGNESIUM ION' 'Mg 2'
#
# COMPACT_ATOMS: atom_id res chain seq x y z
N ASP A 13 19.85 8.57 -7.59
CA ASP A 13 20.57 8.42 -8.89
C ASP A 13 19.69 7.76 -9.96
N VAL A 14 19.77 6.44 -10.07
CA VAL A 14 18.98 5.70 -11.04
C VAL A 14 17.51 5.69 -10.62
N HIS A 15 17.21 6.49 -9.61
CA HIS A 15 15.86 6.62 -9.08
C HIS A 15 14.97 7.44 -10.02
N ARG A 16 15.53 8.52 -10.57
CA ARG A 16 14.75 9.38 -11.44
C ARG A 16 14.37 8.72 -12.75
N ILE A 17 15.19 7.81 -13.25
CA ILE A 17 14.86 7.13 -14.49
C ILE A 17 13.58 6.35 -14.24
N THR A 18 13.52 5.69 -13.08
CA THR A 18 12.34 4.91 -12.69
C THR A 18 11.13 5.82 -12.54
N SER A 19 11.34 7.00 -11.96
CA SER A 19 10.28 7.98 -11.77
C SER A 19 9.73 8.38 -13.13
N GLY A 20 10.64 8.65 -14.07
CA GLY A 20 10.25 9.05 -15.41
C GLY A 20 9.38 8.02 -16.10
N GLN A 21 9.61 6.75 -15.80
CA GLN A 21 8.83 5.68 -16.40
C GLN A 21 7.47 5.60 -15.75
N VAL A 22 7.38 6.15 -14.53
CA VAL A 22 6.11 6.15 -13.80
C VAL A 22 5.26 7.35 -14.22
N ILE A 23 5.85 8.53 -14.22
CA ILE A 23 5.13 9.74 -14.61
C ILE A 23 5.65 10.17 -15.97
N THR A 24 5.08 9.56 -17.00
CA THR A 24 5.49 9.82 -18.38
C THR A 24 5.19 11.21 -18.89
N ASP A 25 4.09 11.80 -18.43
CA ASP A 25 3.74 13.12 -18.90
C ASP A 25 2.85 13.89 -17.95
N LEU A 26 2.47 15.10 -18.36
CA LEU A 26 1.61 15.94 -17.56
C LEU A 26 0.33 15.19 -17.20
N THR A 27 -0.35 14.65 -18.20
CA THR A 27 -1.59 13.92 -17.95
C THR A 27 -1.44 12.91 -16.82
N THR A 28 -0.46 12.02 -16.92
CA THR A 28 -0.28 11.01 -15.88
C THR A 28 -0.14 11.66 -14.51
N ALA A 29 0.69 12.69 -14.43
CA ALA A 29 0.88 13.39 -13.16
C ALA A 29 -0.48 13.85 -12.60
N VAL A 30 -1.35 14.37 -13.45
CA VAL A 30 -2.66 14.84 -13.00
C VAL A 30 -3.55 13.68 -12.55
N LYS A 31 -3.54 12.56 -13.26
CA LYS A 31 -4.36 11.41 -12.85
C LYS A 31 -3.94 11.03 -11.43
N GLU A 32 -2.63 10.98 -11.21
CA GLU A 32 -2.12 10.61 -9.90
C GLU A 32 -2.73 11.51 -8.83
N LEU A 33 -2.67 12.83 -9.04
CA LEU A 33 -3.20 13.76 -8.07
C LEU A 33 -4.72 13.67 -7.88
N VAL A 34 -5.46 13.66 -8.99
CA VAL A 34 -6.90 13.59 -8.91
C VAL A 34 -7.39 12.35 -8.17
N ASP A 35 -6.77 11.20 -8.49
CA ASP A 35 -7.12 9.93 -7.87
C ASP A 35 -6.88 9.98 -6.36
N ASN A 36 -5.76 10.60 -5.97
CA ASN A 36 -5.47 10.71 -4.56
C ASN A 36 -6.54 11.54 -3.85
N SER A 37 -6.90 12.70 -4.42
CA SER A 37 -7.94 13.50 -3.79
C SER A 37 -9.25 12.70 -3.69
N ILE A 38 -9.67 12.07 -4.78
CA ILE A 38 -10.90 11.28 -4.76
C ILE A 38 -10.80 10.14 -3.73
N ASP A 39 -9.60 9.56 -3.63
CA ASP A 39 -9.37 8.48 -2.68
C ASP A 39 -9.51 9.03 -1.27
N ALA A 40 -9.26 10.33 -1.12
CA ALA A 40 -9.30 10.97 0.19
C ALA A 40 -10.70 11.43 0.58
N ASN A 41 -11.69 11.03 -0.21
CA ASN A 41 -13.07 11.41 0.06
C ASN A 41 -13.42 12.87 -0.09
N ALA A 42 -12.65 13.59 -0.89
CA ALA A 42 -12.97 15.00 -1.12
C ALA A 42 -14.25 15.07 -1.95
N ASN A 43 -15.03 16.13 -1.77
CA ASN A 43 -16.22 16.33 -2.58
C ASN A 43 -16.04 17.67 -3.28
N GLN A 44 -14.82 18.19 -3.15
N GLN A 44 -14.83 18.21 -3.16
CA GLN A 44 -14.45 19.45 -3.76
CA GLN A 44 -14.48 19.48 -3.79
C GLN A 44 -13.00 19.32 -4.19
C GLN A 44 -13.01 19.40 -4.19
N ILE A 45 -12.78 19.41 -5.49
CA ILE A 45 -11.42 19.32 -6.01
C ILE A 45 -11.22 20.50 -6.94
N GLU A 46 -10.13 21.21 -6.72
CA GLU A 46 -9.81 22.35 -7.55
C GLU A 46 -8.41 22.21 -8.08
N ILE A 47 -8.26 22.31 -9.40
CA ILE A 47 -6.97 22.18 -10.02
C ILE A 47 -6.55 23.49 -10.67
N ILE A 48 -5.31 23.90 -10.40
CA ILE A 48 -4.78 25.13 -10.95
C ILE A 48 -3.44 24.88 -11.66
N PHE A 49 -3.43 25.12 -12.96
CA PHE A 49 -2.19 24.97 -13.71
C PHE A 49 -1.65 26.38 -13.80
N LYS A 50 -0.32 26.48 -13.87
CA LYS A 50 0.32 27.76 -14.06
C LYS A 50 1.09 27.55 -15.35
N ASP A 51 0.63 28.20 -16.41
CA ASP A 51 1.20 28.09 -17.74
C ASP A 51 1.05 26.68 -18.26
N TYR A 52 -0.19 26.21 -18.19
CA TYR A 52 -0.56 24.89 -18.65
C TYR A 52 0.31 23.79 -18.07
N GLY A 53 0.78 23.99 -16.85
CA GLY A 53 1.58 22.97 -16.22
C GLY A 53 3.08 23.00 -16.45
N LEU A 54 3.54 23.93 -17.29
CA LEU A 54 4.97 24.03 -17.54
C LEU A 54 5.67 24.51 -16.28
N GLU A 55 5.03 25.44 -15.57
CA GLU A 55 5.61 25.95 -14.34
C GLU A 55 5.24 25.06 -13.16
N SER A 56 3.96 24.72 -13.07
CA SER A 56 3.49 23.88 -11.98
C SER A 56 2.02 23.50 -12.10
N ILE A 57 1.60 22.56 -11.26
CA ILE A 57 0.23 22.08 -11.24
C ILE A 57 -0.16 21.96 -9.79
N GLU A 58 -1.27 22.59 -9.42
CA GLU A 58 -1.73 22.54 -8.04
C GLU A 58 -3.09 21.83 -7.92
N CYS A 59 -3.15 20.82 -7.06
CA CYS A 59 -4.40 20.10 -6.84
C CYS A 59 -4.83 20.28 -5.38
N SER A 60 -5.96 20.96 -5.19
CA SER A 60 -6.47 21.20 -3.84
C SER A 60 -7.81 20.50 -3.62
N ASP A 61 -7.89 19.74 -2.54
CA ASP A 61 -9.10 19.00 -2.21
C ASP A 61 -9.54 19.29 -0.78
N ASN A 62 -10.76 18.89 -0.45
CA ASN A 62 -11.28 19.08 0.90
C ASN A 62 -11.50 17.67 1.43
N GLY A 63 -10.54 16.80 1.15
CA GLY A 63 -10.61 15.41 1.58
C GLY A 63 -10.43 15.26 3.07
N ASP A 64 -9.97 14.11 3.53
CA ASP A 64 -9.80 13.97 4.96
C ASP A 64 -8.37 14.20 5.44
N GLY A 65 -7.56 14.82 4.57
CA GLY A 65 -6.18 15.14 4.92
C GLY A 65 -5.22 13.97 5.06
N ILE A 66 -3.96 14.30 5.35
CA ILE A 66 -2.90 13.31 5.55
C ILE A 66 -2.56 13.27 7.03
N ASP A 67 -2.78 12.13 7.67
CA ASP A 67 -2.47 11.99 9.08
C ASP A 67 -0.97 12.23 9.28
N PRO A 68 -0.61 13.01 10.30
CA PRO A 68 0.80 13.33 10.59
C PRO A 68 1.70 12.09 10.55
N SER A 69 1.16 10.96 10.99
CA SER A 69 1.87 9.69 11.04
C SER A 69 2.37 9.21 9.69
N ASN A 70 1.74 9.68 8.61
CA ASN A 70 2.13 9.27 7.27
C ASN A 70 3.13 10.20 6.61
N TYR A 71 3.34 11.38 7.18
CA TYR A 71 4.29 12.35 6.61
C TYR A 71 5.59 11.71 6.14
N GLU A 72 6.31 11.07 7.07
CA GLU A 72 7.59 10.44 6.81
C GLU A 72 7.69 9.62 5.52
N PHE A 73 6.79 8.64 5.35
CA PHE A 73 6.80 7.76 4.16
C PHE A 73 5.84 8.24 3.07
N LEU A 74 5.24 9.40 3.26
CA LEU A 74 4.30 9.94 2.29
C LEU A 74 4.73 9.78 0.85
N ALA A 75 6.00 10.08 0.56
CA ALA A 75 6.53 9.97 -0.79
C ALA A 75 7.57 8.87 -0.95
N LEU A 76 7.51 7.87 -0.08
CA LEU A 76 8.42 6.73 -0.13
C LEU A 76 7.65 5.50 -0.58
N LYS A 77 8.33 4.61 -1.27
CA LYS A 77 7.73 3.36 -1.72
C LYS A 77 8.58 2.29 -1.04
N HIS A 78 7.96 1.27 -0.45
CA HIS A 78 8.72 0.23 0.22
C HIS A 78 8.91 -1.01 -0.65
N TYR A 79 9.23 -0.78 -1.93
CA TYR A 79 9.45 -1.86 -2.90
C TYR A 79 10.34 -1.43 -4.07
N THR A 80 11.06 -2.42 -4.61
CA THR A 80 11.98 -2.25 -5.74
C THR A 80 12.84 -0.99 -5.61
N ALA A 90 -8.69 -11.35 -6.44
CA ALA A 90 -9.80 -11.50 -7.39
C ALA A 90 -10.92 -10.50 -7.10
N LYS A 91 -11.26 -10.32 -5.83
CA LYS A 91 -12.31 -9.38 -5.46
C LYS A 91 -11.70 -7.97 -5.44
N VAL A 92 -10.84 -7.72 -6.42
CA VAL A 92 -10.14 -6.45 -6.56
C VAL A 92 -10.56 -5.80 -7.89
N GLN A 93 -10.61 -4.47 -7.90
CA GLN A 93 -11.03 -3.72 -9.06
C GLN A 93 -9.97 -2.75 -9.56
N THR A 94 -9.16 -2.27 -8.60
CA THR A 94 -8.10 -1.32 -8.87
C THR A 94 -6.78 -1.83 -8.30
N LEU A 95 -5.68 -1.48 -8.93
CA LEU A 95 -4.39 -1.91 -8.42
C LEU A 95 -3.70 -0.66 -7.93
N GLY A 96 -2.97 -0.79 -6.84
CA GLY A 96 -2.27 0.36 -6.31
C GLY A 96 -0.86 0.04 -5.88
N PHE A 97 0.00 1.05 -5.95
CA PHE A 97 1.39 0.91 -5.54
C PHE A 97 1.68 2.11 -4.66
N ARG A 98 1.28 1.96 -3.40
CA ARG A 98 1.43 3.00 -2.40
C ARG A 98 2.77 3.71 -2.42
N GLY A 99 2.71 5.04 -2.54
CA GLY A 99 3.91 5.84 -2.57
C GLY A 99 4.57 5.95 -3.93
N GLU A 100 4.29 5.01 -4.82
CA GLU A 100 4.91 5.05 -6.14
C GLU A 100 4.69 6.39 -6.85
N ALA A 101 3.43 6.78 -7.03
CA ALA A 101 3.13 8.04 -7.69
C ALA A 101 3.85 9.23 -7.05
N LEU A 102 3.67 9.43 -5.75
CA LEU A 102 4.31 10.56 -5.08
C LEU A 102 5.83 10.56 -5.05
N SER A 103 6.44 9.39 -4.87
CA SER A 103 7.90 9.34 -4.85
C SER A 103 8.41 9.59 -6.25
N SER A 104 7.60 9.24 -7.24
CA SER A 104 7.97 9.45 -8.62
C SER A 104 7.88 10.95 -8.93
N LEU A 105 6.91 11.64 -8.34
CA LEU A 105 6.78 13.08 -8.56
C LEU A 105 7.92 13.83 -7.87
N CYS A 106 8.41 13.26 -6.77
CA CYS A 106 9.51 13.83 -6.03
C CYS A 106 10.77 13.68 -6.85
N GLY A 107 10.84 12.57 -7.57
CA GLY A 107 11.98 12.28 -8.41
C GLY A 107 12.18 13.28 -9.53
N ILE A 108 11.27 13.25 -10.50
CA ILE A 108 11.32 14.12 -11.67
C ILE A 108 10.72 15.50 -11.42
N ALA A 109 10.55 15.90 -10.17
CA ALA A 109 9.96 17.20 -9.94
C ALA A 109 10.05 17.65 -8.51
N LYS A 110 9.50 18.83 -8.24
CA LYS A 110 9.49 19.37 -6.89
C LYS A 110 8.07 19.34 -6.35
N LEU A 111 7.91 18.59 -5.27
CA LEU A 111 6.62 18.40 -4.60
C LEU A 111 6.46 19.17 -3.29
N SER A 112 5.34 19.85 -3.15
CA SER A 112 5.04 20.61 -1.93
C SER A 112 3.68 20.11 -1.46
N VAL A 113 3.43 20.18 -0.15
CA VAL A 113 2.17 19.70 0.38
C VAL A 113 1.69 20.51 1.57
N ILE A 114 0.43 20.93 1.52
CA ILE A 114 -0.16 21.69 2.61
C ILE A 114 -1.39 20.89 3.00
N THR A 115 -1.28 20.13 4.08
CA THR A 115 -2.38 19.28 4.51
C THR A 115 -2.72 19.39 5.97
N THR A 116 -3.82 18.75 6.34
CA THR A 116 -4.28 18.73 7.72
C THR A 116 -5.58 17.94 7.89
N THR A 117 -5.62 17.15 8.96
CA THR A 117 -6.80 16.36 9.28
C THR A 117 -7.58 17.08 10.37
N SER A 118 -7.00 18.14 10.90
CA SER A 118 -7.62 18.93 11.97
C SER A 118 -7.45 20.42 11.78
N PRO A 119 -8.42 21.08 11.14
CA PRO A 119 -8.28 22.52 10.96
C PRO A 119 -8.54 23.21 12.30
N PRO A 120 -8.25 24.51 12.41
CA PRO A 120 -7.66 25.34 11.35
C PRO A 120 -6.15 25.49 11.46
N LYS A 121 -5.46 24.40 11.79
CA LYS A 121 -4.00 24.43 11.88
C LYS A 121 -3.51 23.44 10.84
N ALA A 122 -2.46 23.79 10.12
CA ALA A 122 -1.96 22.89 9.07
C ALA A 122 -0.44 22.84 8.95
N ASP A 123 0.04 21.77 8.33
CA ASP A 123 1.48 21.59 8.12
C ASP A 123 1.83 21.74 6.65
N LYS A 124 2.97 22.37 6.37
CA LYS A 124 3.43 22.55 5.01
C LYS A 124 4.70 21.73 4.87
N LEU A 125 4.66 20.73 4.00
CA LEU A 125 5.79 19.84 3.76
C LEU A 125 6.58 20.11 2.50
N GLU A 126 7.86 19.77 2.54
CA GLU A 126 8.77 19.95 1.43
C GLU A 126 9.59 18.69 1.29
N TYR A 127 9.55 18.07 0.11
CA TYR A 127 10.30 16.85 -0.12
C TYR A 127 11.37 17.06 -1.19
N ASP A 128 12.47 16.31 -1.08
CA ASP A 128 13.51 16.41 -2.09
C ASP A 128 13.26 15.28 -3.08
N MET A 129 14.12 15.12 -4.07
CA MET A 129 13.89 14.09 -5.07
C MET A 129 13.82 12.65 -4.59
N VAL A 130 14.28 12.38 -3.37
CA VAL A 130 14.25 11.01 -2.85
C VAL A 130 13.10 10.75 -1.87
N GLY A 131 12.49 11.81 -1.36
CA GLY A 131 11.38 11.65 -0.43
C GLY A 131 11.66 12.13 0.97
N HIS A 132 12.93 12.29 1.29
CA HIS A 132 13.31 12.75 2.62
C HIS A 132 12.61 14.08 2.85
N ILE A 133 11.90 14.20 3.96
CA ILE A 133 11.24 15.47 4.25
C ILE A 133 12.38 16.46 4.41
N THR A 134 12.19 17.66 3.89
CA THR A 134 13.22 18.68 3.97
C THR A 134 12.80 19.91 4.75
N SER A 135 11.49 20.13 4.85
CA SER A 135 10.96 21.28 5.59
C SER A 135 9.55 21.05 6.06
N LYS A 136 9.29 21.32 7.33
CA LYS A 136 7.97 21.15 7.89
C LYS A 136 7.64 22.38 8.72
N THR A 137 7.06 23.38 8.07
CA THR A 137 6.69 24.62 8.72
C THR A 137 5.18 24.65 8.96
N THR A 138 4.72 25.53 9.85
CA THR A 138 3.30 25.62 10.19
C THR A 138 2.51 26.70 9.46
N THR A 139 1.26 26.39 9.15
CA THR A 139 0.34 27.30 8.47
C THR A 139 -1.05 26.85 8.86
N SER A 140 -2.03 27.17 8.03
CA SER A 140 -3.41 26.80 8.30
C SER A 140 -4.24 26.66 7.03
N ARG A 141 -5.34 25.91 7.13
CA ARG A 141 -6.26 25.69 6.02
C ARG A 141 -7.42 24.82 6.45
N ASN A 142 -8.46 24.75 5.61
CA ASN A 142 -9.63 23.93 5.91
C ASN A 142 -9.21 22.46 5.89
N LYS A 143 -10.09 21.57 6.33
CA LYS A 143 -9.76 20.14 6.32
C LYS A 143 -9.45 19.80 4.89
N GLY A 144 -8.35 19.10 4.66
CA GLY A 144 -8.01 18.74 3.30
C GLY A 144 -6.53 18.75 2.94
N THR A 145 -6.26 18.68 1.64
CA THR A 145 -4.90 18.64 1.15
C THR A 145 -4.68 19.38 -0.17
N THR A 146 -3.55 20.07 -0.25
CA THR A 146 -3.14 20.82 -1.43
C THR A 146 -1.79 20.27 -1.85
N VAL A 147 -1.75 19.65 -3.01
CA VAL A 147 -0.50 19.12 -3.51
C VAL A 147 0.01 20.01 -4.64
N LEU A 148 1.26 20.45 -4.55
CA LEU A 148 1.85 21.31 -5.57
C LEU A 148 3.00 20.63 -6.31
N VAL A 149 2.81 20.42 -7.62
CA VAL A 149 3.84 19.81 -8.46
C VAL A 149 4.46 20.93 -9.30
N SER A 150 5.78 21.06 -9.20
CA SER A 150 6.48 22.10 -9.93
C SER A 150 7.67 21.56 -10.74
N GLN A 151 8.02 22.30 -11.80
CA GLN A 151 9.13 21.94 -12.67
C GLN A 151 9.11 20.49 -13.13
N LEU A 152 7.98 20.09 -13.69
CA LEU A 152 7.78 18.72 -14.17
C LEU A 152 8.82 18.31 -15.20
N PHE A 153 9.62 17.30 -14.85
CA PHE A 153 10.67 16.76 -15.73
C PHE A 153 11.93 17.63 -15.82
N HIS A 154 12.09 18.57 -14.89
CA HIS A 154 13.23 19.45 -14.92
C HIS A 154 14.56 18.71 -15.08
N ASN A 155 14.72 17.59 -14.37
CA ASN A 155 15.97 16.85 -14.50
C ASN A 155 15.91 15.77 -15.59
N LEU A 156 15.06 16.00 -16.59
CA LEU A 156 14.93 15.10 -17.73
C LEU A 156 14.84 15.92 -19.01
N PRO A 157 15.95 16.57 -19.39
CA PRO A 157 16.11 17.43 -20.57
C PRO A 157 15.33 17.02 -21.81
N VAL A 158 15.70 15.88 -22.38
CA VAL A 158 15.02 15.39 -23.58
C VAL A 158 13.52 15.68 -23.49
N ARG A 159 12.84 14.91 -22.63
CA ARG A 159 11.41 15.04 -22.44
C ARG A 159 11.04 16.45 -21.97
N GLN A 160 11.80 16.99 -21.03
CA GLN A 160 11.55 18.33 -20.51
C GLN A 160 11.31 19.28 -21.66
N LYS A 161 12.16 19.21 -22.68
CA LYS A 161 12.05 20.07 -23.84
C LYS A 161 10.86 19.63 -24.69
N GLU A 162 10.72 18.32 -24.86
CA GLU A 162 9.60 17.79 -25.64
C GLU A 162 8.32 18.41 -25.13
N PHE A 163 8.12 18.31 -23.82
CA PHE A 163 6.95 18.85 -23.14
C PHE A 163 6.73 20.30 -23.59
N SER A 164 7.68 21.16 -23.29
CA SER A 164 7.58 22.59 -23.66
C SER A 164 7.35 22.80 -25.16
N LYS A 165 7.55 21.75 -25.95
CA LYS A 165 7.39 21.84 -27.39
C LYS A 165 6.15 21.11 -27.91
N THR A 166 5.37 20.55 -27.02
CA THR A 166 4.16 19.83 -27.40
C THR A 166 3.13 19.99 -26.30
N PHE A 167 3.31 21.04 -25.51
CA PHE A 167 2.42 21.32 -24.39
C PHE A 167 0.95 21.44 -24.76
N LYS A 168 0.66 21.84 -26.00
CA LYS A 168 -0.73 21.99 -26.43
C LYS A 168 -1.46 20.64 -26.40
N ARG A 169 -1.02 19.70 -27.24
CA ARG A 169 -1.65 18.38 -27.29
C ARG A 169 -1.52 17.73 -25.93
N GLN A 170 -0.45 18.06 -25.22
CA GLN A 170 -0.22 17.49 -23.90
C GLN A 170 -1.22 18.05 -22.88
N PHE A 171 -1.59 19.31 -23.04
CA PHE A 171 -2.55 19.93 -22.14
C PHE A 171 -3.96 19.47 -22.49
N THR A 172 -4.24 19.41 -23.78
CA THR A 172 -5.55 18.98 -24.24
C THR A 172 -5.76 17.56 -23.78
N LYS A 173 -4.73 16.73 -23.90
CA LYS A 173 -4.85 15.35 -23.48
C LYS A 173 -5.17 15.29 -21.98
N CYS A 174 -4.56 16.19 -21.23
CA CYS A 174 -4.76 16.26 -19.79
C CYS A 174 -6.14 16.82 -19.43
N LEU A 175 -6.59 17.87 -20.13
CA LEU A 175 -7.90 18.43 -19.84
C LEU A 175 -9.00 17.39 -20.07
N THR A 176 -8.85 16.62 -21.15
CA THR A 176 -9.81 15.59 -21.49
C THR A 176 -9.92 14.57 -20.36
N VAL A 177 -8.82 14.30 -19.68
CA VAL A 177 -8.85 13.34 -18.58
C VAL A 177 -9.61 13.93 -17.40
N ILE A 178 -9.41 15.23 -17.15
CA ILE A 178 -10.11 15.88 -16.07
C ILE A 178 -11.58 15.95 -16.43
N GLN A 179 -11.87 16.17 -17.71
CA GLN A 179 -13.25 16.25 -18.15
C GLN A 179 -13.94 14.91 -17.92
N GLY A 180 -13.16 13.83 -18.07
CA GLY A 180 -13.69 12.49 -17.86
C GLY A 180 -14.12 12.31 -16.40
N TYR A 181 -13.24 12.72 -15.48
CA TYR A 181 -13.50 12.63 -14.04
C TYR A 181 -14.69 13.46 -13.61
N ALA A 182 -14.67 14.72 -14.04
CA ALA A 182 -15.69 15.70 -13.72
C ALA A 182 -17.12 15.26 -14.02
N ILE A 183 -17.27 14.65 -15.18
CA ILE A 183 -18.56 14.20 -15.66
C ILE A 183 -19.18 13.02 -14.91
N ILE A 184 -18.36 12.03 -14.57
CA ILE A 184 -18.85 10.83 -13.89
C ILE A 184 -18.98 10.96 -12.37
N ASN A 185 -18.16 11.80 -11.76
CA ASN A 185 -18.19 11.99 -10.29
C ASN A 185 -19.26 12.97 -9.86
N ALA A 186 -20.51 12.49 -9.80
CA ALA A 186 -21.62 13.35 -9.42
C ALA A 186 -21.47 13.97 -8.04
N ALA A 187 -20.74 13.30 -7.14
CA ALA A 187 -20.59 13.79 -5.77
C ALA A 187 -19.52 14.84 -5.57
N ILE A 188 -18.73 15.12 -6.60
CA ILE A 188 -17.66 16.10 -6.45
C ILE A 188 -17.84 17.34 -7.31
N LYS A 189 -17.46 18.48 -6.76
CA LYS A 189 -17.51 19.74 -7.50
C LYS A 189 -16.07 19.94 -8.02
N PHE A 190 -15.91 19.86 -9.33
CA PHE A 190 -14.60 20.04 -9.94
C PHE A 190 -14.49 21.45 -10.48
N SER A 191 -13.29 21.99 -10.49
CA SER A 191 -13.07 23.32 -11.03
C SER A 191 -11.63 23.31 -11.49
N VAL A 192 -11.37 23.86 -12.67
CA VAL A 192 -10.03 23.88 -13.22
C VAL A 192 -9.66 25.25 -13.77
N TRP A 193 -8.46 25.72 -13.46
CA TRP A 193 -7.98 27.02 -13.96
C TRP A 193 -6.56 26.95 -14.50
N ASN A 194 -6.22 27.92 -15.35
CA ASN A 194 -4.87 28.05 -15.88
C ASN A 194 -4.50 29.50 -15.65
N ILE A 195 -3.34 29.74 -15.06
CA ILE A 195 -2.89 31.10 -14.82
C ILE A 195 -1.83 31.39 -15.87
N THR A 196 -2.04 32.45 -16.64
CA THR A 196 -1.08 32.80 -17.69
C THR A 196 0.23 33.31 -17.09
N PRO A 197 1.34 33.15 -17.84
CA PRO A 197 2.65 33.61 -17.37
C PRO A 197 2.53 35.07 -16.95
N LYS A 198 1.77 35.85 -17.70
CA LYS A 198 1.60 37.26 -17.38
C LYS A 198 0.68 37.54 -16.19
N GLY A 199 -0.16 36.61 -15.76
CA GLY A 199 -0.93 36.97 -14.58
C GLY A 199 -2.35 36.58 -14.25
N LYS A 200 -3.32 36.72 -15.15
CA LYS A 200 -4.66 36.37 -14.67
C LYS A 200 -5.12 34.96 -14.92
N LYS A 201 -6.05 34.56 -14.07
CA LYS A 201 -6.67 33.26 -14.01
C LYS A 201 -7.77 33.07 -15.05
N ASN A 202 -7.84 31.89 -15.60
CA ASN A 202 -8.90 31.58 -16.53
C ASN A 202 -9.62 30.30 -16.10
N LEU A 203 -10.93 30.38 -15.90
CA LEU A 203 -11.73 29.23 -15.51
C LEU A 203 -11.86 28.36 -16.75
N ILE A 204 -11.35 27.14 -16.69
CA ILE A 204 -11.39 26.24 -17.83
C ILE A 204 -12.45 25.17 -17.69
N LEU A 205 -12.71 24.73 -16.46
CA LEU A 205 -13.72 23.70 -16.20
C LEU A 205 -14.39 23.94 -14.85
N SER A 206 -15.70 23.73 -14.82
CA SER A 206 -16.46 23.90 -13.59
C SER A 206 -17.74 23.05 -13.57
N THR A 207 -17.91 22.29 -12.49
CA THR A 207 -19.13 21.48 -12.34
C THR A 207 -19.72 21.78 -10.98
N MET A 208 -21.04 21.71 -10.89
CA MET A 208 -21.72 21.93 -9.62
C MET A 208 -21.74 20.53 -9.03
N ARG A 209 -21.69 20.39 -7.70
CA ARG A 209 -21.71 19.04 -7.18
C ARG A 209 -23.13 18.48 -7.09
N ASN A 210 -23.22 17.15 -7.00
CA ASN A 210 -24.49 16.43 -6.94
C ASN A 210 -25.23 16.61 -8.27
N SER A 211 -24.48 16.50 -9.35
CA SER A 211 -25.03 16.68 -10.69
C SER A 211 -24.98 15.40 -11.50
N SER A 212 -25.98 15.19 -12.33
CA SER A 212 -26.06 14.02 -13.20
C SER A 212 -25.05 14.15 -14.36
N MET A 213 -24.72 13.04 -15.01
CA MET A 213 -23.80 13.10 -16.15
C MET A 213 -24.31 14.17 -17.11
N ARG A 214 -25.60 14.11 -17.37
CA ARG A 214 -26.24 15.05 -18.29
C ARG A 214 -25.94 16.50 -17.91
N LYS A 215 -26.19 16.87 -16.66
CA LYS A 215 -25.92 18.25 -16.28
C LYS A 215 -24.43 18.54 -16.39
N ASN A 216 -23.60 17.60 -15.98
CA ASN A 216 -22.16 17.83 -16.09
C ASN A 216 -21.66 17.99 -17.53
N ILE A 217 -22.28 17.28 -18.46
CA ILE A 217 -21.87 17.40 -19.85
C ILE A 217 -22.09 18.84 -20.29
N SER A 218 -23.17 19.45 -19.83
CA SER A 218 -23.43 20.83 -20.19
C SER A 218 -22.45 21.80 -19.54
N SER A 219 -22.17 21.59 -18.26
CA SER A 219 -21.27 22.45 -17.52
C SER A 219 -19.88 22.46 -18.12
N VAL A 220 -19.35 21.26 -18.38
CA VAL A 220 -18.01 21.10 -18.92
C VAL A 220 -17.82 21.56 -20.37
N PHE A 221 -18.80 21.31 -21.23
CA PHE A 221 -18.71 21.66 -22.64
C PHE A 221 -19.55 22.84 -23.07
N GLY A 222 -20.62 23.13 -22.36
CA GLY A 222 -21.42 24.28 -22.74
C GLY A 222 -22.78 23.98 -23.31
N ALA A 223 -23.44 25.03 -23.78
CA ALA A 223 -24.77 24.94 -24.34
C ALA A 223 -24.90 23.78 -25.31
N GLY A 224 -23.85 23.53 -26.09
CA GLY A 224 -23.91 22.46 -27.07
C GLY A 224 -23.40 21.10 -26.62
N GLY A 225 -23.23 20.90 -25.33
CA GLY A 225 -22.72 19.63 -24.85
C GLY A 225 -23.67 18.46 -25.04
N MET A 226 -24.96 18.69 -24.83
CA MET A 226 -25.91 17.60 -24.97
C MET A 226 -26.43 17.43 -26.40
N ARG A 227 -25.77 18.08 -27.36
CA ARG A 227 -26.21 18.01 -28.74
C ARG A 227 -26.30 16.61 -29.35
N GLY A 228 -27.51 16.25 -29.77
CA GLY A 228 -27.75 14.98 -30.41
C GLY A 228 -27.49 13.75 -29.58
N LEU A 229 -27.31 13.91 -28.27
CA LEU A 229 -27.08 12.77 -27.40
C LEU A 229 -28.39 12.21 -26.84
N GLU A 230 -28.48 10.89 -26.75
CA GLU A 230 -29.67 10.24 -26.21
C GLU A 230 -29.21 9.30 -25.12
N GLU A 231 -30.12 8.92 -24.25
CA GLU A 231 -29.80 8.02 -23.15
C GLU A 231 -29.53 6.59 -23.63
N VAL A 232 -28.72 5.88 -22.85
CA VAL A 232 -28.37 4.50 -23.12
C VAL A 232 -28.51 3.75 -21.82
N ASP A 233 -29.32 2.71 -21.83
CA ASP A 233 -29.57 1.88 -20.66
C ASP A 233 -29.65 0.46 -21.21
N LEU A 234 -28.51 -0.22 -21.28
CA LEU A 234 -28.44 -1.56 -21.82
C LEU A 234 -27.85 -2.58 -20.89
N VAL A 235 -28.19 -3.83 -21.11
CA VAL A 235 -27.67 -4.92 -20.30
C VAL A 235 -27.01 -5.95 -21.22
N LEU A 236 -25.76 -6.27 -20.94
CA LEU A 236 -25.03 -7.27 -21.73
C LEU A 236 -24.90 -8.50 -20.85
N ASP A 237 -25.48 -9.61 -21.29
CA ASP A 237 -25.41 -10.87 -20.53
C ASP A 237 -24.27 -11.74 -21.09
N LEU A 238 -23.21 -11.89 -20.29
CA LEU A 238 -22.06 -12.69 -20.71
C LEU A 238 -21.92 -14.01 -19.94
N ASN A 239 -22.96 -14.38 -19.21
CA ASN A 239 -22.94 -15.61 -18.43
C ASN A 239 -22.35 -16.82 -19.16
N PRO A 240 -22.74 -17.05 -20.42
CA PRO A 240 -22.21 -18.19 -21.14
C PRO A 240 -20.94 -17.90 -21.97
N PHE A 241 -20.17 -16.91 -21.54
CA PHE A 241 -18.96 -16.56 -22.27
C PHE A 241 -17.74 -16.64 -21.35
N LYS A 242 -17.89 -17.38 -20.27
CA LYS A 242 -16.80 -17.53 -19.30
C LYS A 242 -16.06 -18.84 -19.50
N ASN A 243 -14.89 -18.75 -20.11
CA ASN A 243 -14.03 -19.92 -20.34
C ASN A 243 -12.84 -19.79 -19.41
N ARG A 244 -12.40 -20.91 -18.84
CA ARG A 244 -11.25 -20.91 -17.92
C ARG A 244 -11.69 -20.52 -16.52
N MET A 245 -12.31 -21.44 -15.80
CA MET A 245 -12.76 -21.14 -14.44
C MET A 245 -13.08 -22.42 -13.67
N LEU A 258 -20.89 -15.33 -9.87
CA LEU A 258 -20.66 -15.93 -11.18
C LEU A 258 -21.66 -15.39 -12.19
N ASP A 259 -22.34 -14.30 -11.83
CA ASP A 259 -23.33 -13.68 -12.69
C ASP A 259 -22.69 -12.55 -13.51
N TYR A 260 -22.13 -12.93 -14.65
CA TYR A 260 -21.46 -12.00 -15.52
C TYR A 260 -22.34 -11.16 -16.43
N LYS A 261 -23.04 -10.19 -15.83
CA LYS A 261 -23.89 -9.29 -16.60
C LYS A 261 -23.27 -7.89 -16.51
N ILE A 262 -23.42 -7.12 -17.58
CA ILE A 262 -22.87 -5.76 -17.59
C ILE A 262 -23.96 -4.73 -17.87
N ARG A 263 -24.20 -3.85 -16.91
CA ARG A 263 -25.19 -2.79 -17.07
C ARG A 263 -24.44 -1.63 -17.70
N VAL A 264 -24.78 -1.30 -18.94
CA VAL A 264 -24.15 -0.19 -19.68
C VAL A 264 -25.08 1.03 -19.70
N LYS A 265 -24.74 2.05 -18.91
CA LYS A 265 -25.56 3.25 -18.83
C LYS A 265 -24.79 4.52 -19.20
N GLY A 266 -25.46 5.42 -19.91
CA GLY A 266 -24.82 6.67 -20.28
C GLY A 266 -25.47 7.36 -21.46
N TYR A 267 -24.67 8.06 -22.25
CA TYR A 267 -25.15 8.78 -23.41
C TYR A 267 -24.30 8.43 -24.61
N ILE A 268 -24.85 8.66 -25.82
CA ILE A 268 -24.13 8.40 -27.06
C ILE A 268 -24.87 9.21 -28.10
N SER A 269 -24.18 9.65 -29.14
CA SER A 269 -24.83 10.47 -30.16
C SER A 269 -25.77 9.67 -31.03
N GLN A 270 -26.82 10.31 -31.51
CA GLN A 270 -27.74 9.62 -32.41
C GLN A 270 -27.09 9.71 -33.79
N ASN A 271 -27.50 8.83 -34.69
CA ASN A 271 -26.92 8.78 -36.04
C ASN A 271 -27.45 9.73 -37.09
N SER A 272 -28.51 10.47 -36.78
CA SER A 272 -29.07 11.41 -37.74
C SER A 272 -27.99 12.38 -38.20
N PHE A 273 -28.13 12.95 -39.39
CA PHE A 273 -27.15 13.88 -39.90
C PHE A 273 -26.85 14.98 -38.90
N GLY A 274 -25.59 15.39 -38.84
CA GLY A 274 -25.18 16.47 -37.94
C GLY A 274 -25.23 16.22 -36.44
N CYS A 275 -25.82 15.10 -36.03
CA CYS A 275 -25.94 14.77 -34.61
C CYS A 275 -24.71 14.16 -33.97
N GLY A 276 -23.58 14.21 -34.67
CA GLY A 276 -22.35 13.66 -34.13
C GLY A 276 -21.24 14.70 -34.05
N ARG A 277 -20.03 14.23 -33.81
CA ARG A 277 -18.85 15.11 -33.72
C ARG A 277 -17.98 14.83 -34.95
N ASN A 278 -17.20 15.81 -35.38
CA ASN A 278 -16.34 15.61 -36.55
C ASN A 278 -15.14 14.74 -36.23
N SER A 279 -14.84 14.56 -34.94
CA SER A 279 -13.73 13.70 -34.55
C SER A 279 -13.99 13.01 -33.22
N LYS A 280 -13.12 12.06 -32.88
CA LYS A 280 -13.28 11.30 -31.64
C LYS A 280 -12.71 12.05 -30.43
N ASP A 281 -13.03 13.34 -30.31
CA ASP A 281 -12.51 14.12 -29.19
C ASP A 281 -13.33 14.05 -27.90
N ARG A 282 -14.47 13.36 -27.94
CA ARG A 282 -15.33 13.22 -26.77
C ARG A 282 -15.85 11.81 -26.65
N GLN A 283 -14.95 10.88 -26.36
CA GLN A 283 -15.35 9.50 -26.22
C GLN A 283 -14.85 9.00 -24.88
N PHE A 284 -15.76 8.92 -23.92
CA PHE A 284 -15.39 8.47 -22.58
C PHE A 284 -16.07 7.19 -22.14
N ILE A 285 -15.25 6.29 -21.64
CA ILE A 285 -15.73 5.02 -21.16
C ILE A 285 -15.26 4.90 -19.73
N TYR A 286 -16.13 4.38 -18.88
CA TYR A 286 -15.82 4.18 -17.47
C TYR A 286 -16.25 2.77 -17.09
N VAL A 287 -15.56 2.21 -16.11
CA VAL A 287 -15.87 0.89 -15.62
C VAL A 287 -16.16 1.07 -14.13
N ASN A 288 -17.41 0.85 -13.73
CA ASN A 288 -17.77 1.03 -12.33
C ASN A 288 -17.46 2.47 -11.89
N LYS A 289 -18.01 3.42 -12.61
CA LYS A 289 -17.85 4.83 -12.30
C LYS A 289 -16.39 5.28 -12.28
N ARG A 290 -15.49 4.47 -12.81
CA ARG A 290 -14.07 4.83 -12.80
C ARG A 290 -13.53 4.96 -14.24
N PRO A 291 -12.81 6.06 -14.55
CA PRO A 291 -12.27 6.26 -15.90
C PRO A 291 -11.23 5.21 -16.33
N VAL A 292 -11.28 4.81 -17.60
CA VAL A 292 -10.33 3.84 -18.16
C VAL A 292 -10.19 4.06 -19.65
N GLU A 293 -9.13 3.52 -20.22
CA GLU A 293 -8.94 3.59 -21.66
C GLU A 293 -9.29 2.19 -22.12
N TYR A 294 -10.32 2.08 -22.96
CA TYR A 294 -10.77 0.79 -23.46
C TYR A 294 -11.05 0.95 -24.97
N SER A 295 -9.97 1.21 -25.69
CA SER A 295 -9.99 1.43 -27.14
C SER A 295 -10.87 0.47 -27.91
N THR A 296 -10.71 -0.82 -27.64
CA THR A 296 -11.49 -1.83 -28.33
C THR A 296 -13.00 -1.57 -28.26
N LEU A 297 -13.47 -1.02 -27.16
CA LEU A 297 -14.90 -0.74 -27.01
C LEU A 297 -15.29 0.50 -27.81
N LEU A 298 -14.45 1.52 -27.74
CA LEU A 298 -14.72 2.73 -28.48
C LEU A 298 -14.68 2.36 -29.95
N LYS A 299 -13.69 1.54 -30.31
CA LYS A 299 -13.55 1.08 -31.69
C LYS A 299 -14.87 0.47 -32.13
N CYS A 300 -15.45 -0.32 -31.23
CA CYS A 300 -16.73 -0.96 -31.50
C CYS A 300 -17.79 0.12 -31.74
N CYS A 301 -17.92 1.06 -30.81
CA CYS A 301 -18.89 2.15 -30.93
C CYS A 301 -18.72 2.86 -32.26
N ASN A 302 -17.47 3.19 -32.57
CA ASN A 302 -17.16 3.88 -33.79
C ASN A 302 -17.55 3.16 -35.08
N GLU A 303 -17.18 1.89 -35.20
CA GLU A 303 -17.51 1.17 -36.40
C GLU A 303 -19.01 0.89 -36.48
N VAL A 304 -19.65 0.65 -35.35
CA VAL A 304 -21.10 0.41 -35.36
C VAL A 304 -21.79 1.70 -35.83
N TYR A 305 -21.24 2.84 -35.42
CA TYR A 305 -21.80 4.13 -35.79
C TYR A 305 -21.61 4.36 -37.28
N LYS A 306 -20.41 4.02 -37.77
CA LYS A 306 -20.08 4.19 -39.17
C LYS A 306 -21.13 3.48 -40.03
N THR A 307 -21.72 2.43 -39.49
CA THR A 307 -22.74 1.66 -40.18
C THR A 307 -23.95 2.50 -40.55
N PHE A 308 -24.24 3.54 -39.75
CA PHE A 308 -25.39 4.40 -40.02
C PHE A 308 -24.97 5.75 -40.55
N ASN A 309 -23.79 6.20 -40.14
CA ASN A 309 -23.27 7.49 -40.57
C ASN A 309 -21.78 7.33 -40.83
N ASN A 310 -21.30 7.78 -41.99
CA ASN A 310 -19.89 7.66 -42.31
C ASN A 310 -19.15 8.97 -42.42
N VAL A 311 -19.76 10.06 -41.94
CA VAL A 311 -19.10 11.35 -41.99
C VAL A 311 -18.80 11.94 -40.61
N GLN A 312 -19.35 11.34 -39.57
CA GLN A 312 -19.12 11.82 -38.21
C GLN A 312 -18.88 10.67 -37.25
N PHE A 313 -18.36 11.01 -36.08
CA PHE A 313 -18.10 10.03 -35.03
C PHE A 313 -19.06 10.36 -33.90
N PRO A 314 -19.29 9.39 -33.01
CA PRO A 314 -20.21 9.72 -31.93
C PRO A 314 -19.54 10.22 -30.67
N ALA A 315 -20.29 11.00 -29.91
CA ALA A 315 -19.80 11.48 -28.63
C ALA A 315 -20.23 10.30 -27.76
N VAL A 316 -19.34 9.86 -26.87
CA VAL A 316 -19.65 8.72 -26.03
C VAL A 316 -19.31 8.96 -24.57
N PHE A 317 -20.27 8.61 -23.71
CA PHE A 317 -20.10 8.74 -22.27
C PHE A 317 -20.77 7.48 -21.74
N LEU A 318 -20.00 6.43 -21.52
CA LEU A 318 -20.60 5.19 -21.03
C LEU A 318 -19.94 4.59 -19.82
N ASN A 319 -20.77 4.19 -18.87
CA ASN A 319 -20.25 3.53 -17.70
C ASN A 319 -20.66 2.08 -17.77
N LEU A 320 -19.72 1.18 -17.48
CA LEU A 320 -20.01 -0.24 -17.49
C LEU A 320 -20.00 -0.84 -16.08
N GLU A 321 -21.19 -1.09 -15.52
CA GLU A 321 -21.31 -1.70 -14.19
C GLU A 321 -20.98 -3.17 -14.34
N LEU A 322 -20.17 -3.70 -13.44
CA LEU A 322 -19.73 -5.08 -13.55
C LEU A 322 -19.04 -5.56 -12.27
N PRO A 323 -19.33 -6.81 -11.85
CA PRO A 323 -18.71 -7.35 -10.62
C PRO A 323 -17.18 -7.32 -10.69
N MET A 324 -16.56 -6.85 -9.62
CA MET A 324 -15.10 -6.78 -9.55
C MET A 324 -14.43 -8.11 -9.92
N SER A 325 -14.96 -9.20 -9.39
CA SER A 325 -14.41 -10.52 -9.63
C SER A 325 -14.29 -10.82 -11.11
N LEU A 326 -14.96 -10.02 -11.93
CA LEU A 326 -14.93 -10.22 -13.38
C LEU A 326 -14.04 -9.20 -14.08
N ILE A 327 -13.20 -8.52 -13.31
CA ILE A 327 -12.26 -7.52 -13.82
C ILE A 327 -10.84 -7.96 -13.49
N ASP A 328 -10.05 -8.27 -14.50
CA ASP A 328 -8.67 -8.69 -14.27
C ASP A 328 -7.76 -7.47 -14.11
N VAL A 329 -7.03 -7.40 -13.01
CA VAL A 329 -6.11 -6.29 -12.73
C VAL A 329 -4.67 -6.70 -13.00
N ASN A 330 -3.76 -5.73 -12.93
CA ASN A 330 -2.34 -5.99 -13.15
C ASN A 330 -2.09 -6.79 -14.43
N VAL A 331 -2.50 -6.22 -15.55
CA VAL A 331 -2.35 -6.86 -16.87
C VAL A 331 -1.15 -6.29 -17.61
N THR A 332 -0.80 -5.04 -17.30
CA THR A 332 0.35 -4.38 -17.91
C THR A 332 0.98 -3.44 -16.90
N PRO A 333 2.20 -2.96 -17.17
CA PRO A 333 2.90 -2.05 -16.23
C PRO A 333 2.02 -0.89 -15.80
N ASP A 334 1.07 -0.52 -16.66
CA ASP A 334 0.13 0.57 -16.40
C ASP A 334 -0.86 0.12 -15.33
N LYS A 335 -0.54 0.39 -14.07
CA LYS A 335 -1.38 0.01 -12.95
C LYS A 335 -2.87 0.25 -13.16
N ARG A 336 -3.23 1.15 -14.07
CA ARG A 336 -4.64 1.45 -14.31
C ARG A 336 -5.33 0.63 -15.40
N VAL A 337 -4.55 0.10 -16.34
CA VAL A 337 -5.10 -0.70 -17.43
C VAL A 337 -5.73 -2.00 -16.93
N ILE A 338 -6.97 -2.24 -17.32
CA ILE A 338 -7.68 -3.45 -16.92
C ILE A 338 -8.17 -4.26 -18.13
N LEU A 339 -8.52 -5.53 -17.87
CA LEU A 339 -9.01 -6.40 -18.92
C LEU A 339 -10.30 -7.09 -18.44
N LEU A 340 -11.37 -6.92 -19.20
CA LEU A 340 -12.66 -7.52 -18.83
C LEU A 340 -12.62 -9.03 -18.98
N HIS A 341 -13.37 -9.73 -18.14
CA HIS A 341 -13.42 -11.19 -18.21
C HIS A 341 -13.97 -11.64 -19.56
N ASN A 342 -13.12 -12.23 -20.39
CA ASN A 342 -13.55 -12.72 -21.70
C ASN A 342 -13.91 -11.58 -22.65
N GLU A 343 -13.04 -10.59 -22.75
CA GLU A 343 -13.29 -9.43 -23.63
C GLU A 343 -13.84 -9.82 -25.00
N ARG A 344 -13.11 -10.70 -25.69
CA ARG A 344 -13.50 -11.15 -27.03
C ARG A 344 -15.01 -11.13 -27.24
N ALA A 345 -15.75 -11.80 -26.36
CA ALA A 345 -17.21 -11.88 -26.46
C ALA A 345 -17.88 -10.55 -26.11
N VAL A 346 -17.40 -9.92 -25.04
CA VAL A 346 -17.94 -8.64 -24.59
C VAL A 346 -18.18 -7.76 -25.81
N ILE A 347 -17.12 -7.53 -26.58
CA ILE A 347 -17.24 -6.71 -27.77
C ILE A 347 -18.37 -7.22 -28.67
N ASP A 348 -18.30 -8.49 -29.04
CA ASP A 348 -19.33 -9.07 -29.89
C ASP A 348 -20.76 -8.82 -29.42
N ILE A 349 -21.03 -9.11 -28.15
CA ILE A 349 -22.38 -8.88 -27.62
C ILE A 349 -22.68 -7.39 -27.58
N PHE A 350 -21.69 -6.59 -27.20
CA PHE A 350 -21.82 -5.15 -27.11
C PHE A 350 -22.08 -4.54 -28.49
N LYS A 351 -21.43 -5.06 -29.52
CA LYS A 351 -21.61 -4.55 -30.88
C LYS A 351 -23.04 -4.79 -31.37
N THR A 352 -23.52 -6.02 -31.23
CA THR A 352 -24.87 -6.33 -31.68
C THR A 352 -25.91 -5.64 -30.80
N THR A 353 -25.66 -5.60 -29.49
CA THR A 353 -26.62 -4.94 -28.63
C THR A 353 -26.70 -3.48 -29.03
N LEU A 354 -25.54 -2.88 -29.32
CA LEU A 354 -25.50 -1.48 -29.72
C LEU A 354 -26.28 -1.28 -30.99
N SER A 355 -26.10 -2.18 -31.97
CA SER A 355 -26.83 -2.07 -33.23
C SER A 355 -28.35 -2.08 -33.02
N ASP A 356 -28.83 -3.02 -32.23
CA ASP A 356 -30.27 -3.10 -31.95
C ASP A 356 -30.69 -1.75 -31.40
N TYR A 357 -29.84 -1.18 -30.54
CA TYR A 357 -30.12 0.12 -29.94
C TYR A 357 -30.39 1.13 -31.04
N TYR A 358 -29.44 1.29 -31.95
CA TYR A 358 -29.60 2.24 -33.03
C TYR A 358 -30.78 1.94 -33.94
N ASN A 359 -31.04 0.66 -34.20
CA ASN A 359 -32.17 0.32 -35.05
C ASN A 359 -33.44 0.75 -34.32
N ARG A 360 -33.59 0.30 -33.08
CA ARG A 360 -34.77 0.64 -32.30
C ARG A 360 -34.93 2.14 -32.23
N GLN A 361 -33.80 2.86 -32.22
CA GLN A 361 -33.81 4.31 -32.12
C GLN A 361 -34.48 4.98 -33.32
N GLU A 362 -34.13 4.57 -34.52
CA GLU A 362 -34.68 5.20 -35.72
C GLU A 362 -36.18 4.99 -35.93
N LEU A 363 -36.71 3.93 -35.34
CA LEU A 363 -38.12 3.62 -35.50
C LEU A 363 -39.07 4.76 -35.10
N ALA A 364 -38.73 5.47 -34.02
CA ALA A 364 -39.55 6.59 -33.54
C ALA A 364 -39.07 7.95 -34.03
N LEU A 365 -38.45 7.99 -35.21
CA LEU A 365 -37.95 9.24 -35.78
C LEU A 365 -39.08 10.22 -36.12
N PRO A 366 -40.10 9.73 -36.82
CA PRO A 366 -41.25 10.55 -37.22
C PRO A 366 -42.05 11.02 -36.00
N GLN B 8 -18.24 -13.51 39.94
CA GLN B 8 -18.52 -12.26 39.17
C GLN B 8 -17.94 -12.35 37.76
N ILE B 9 -16.64 -12.59 37.67
CA ILE B 9 -15.95 -12.71 36.39
C ILE B 9 -15.82 -14.18 36.04
N ASN B 10 -16.55 -14.62 35.01
CA ASN B 10 -16.53 -16.02 34.59
C ASN B 10 -15.28 -16.42 33.82
N ASP B 11 -15.03 -17.72 33.75
CA ASP B 11 -13.86 -18.25 33.06
C ASP B 11 -13.62 -17.74 31.65
N ILE B 12 -14.68 -17.60 30.87
CA ILE B 12 -14.53 -17.14 29.50
C ILE B 12 -14.00 -15.71 29.50
N ASP B 13 -14.50 -14.89 30.42
CA ASP B 13 -14.06 -13.51 30.54
C ASP B 13 -12.57 -13.50 30.88
N VAL B 14 -12.20 -14.26 31.90
CA VAL B 14 -10.81 -14.34 32.30
C VAL B 14 -9.96 -14.66 31.09
N HIS B 15 -10.45 -15.59 30.28
CA HIS B 15 -9.74 -15.98 29.07
C HIS B 15 -9.71 -14.82 28.09
N ARG B 16 -10.81 -14.08 28.02
CA ARG B 16 -10.92 -12.95 27.11
C ARG B 16 -9.93 -11.84 27.46
N ILE B 17 -9.96 -11.46 28.74
CA ILE B 17 -9.11 -10.40 29.27
C ILE B 17 -7.64 -10.77 29.19
N THR B 18 -7.29 -11.99 29.61
CA THR B 18 -5.90 -12.44 29.58
C THR B 18 -5.36 -12.46 28.16
N SER B 19 -6.12 -13.05 27.24
CA SER B 19 -5.65 -13.09 25.87
C SER B 19 -5.50 -11.65 25.36
N GLY B 20 -6.29 -10.74 25.93
CA GLY B 20 -6.20 -9.33 25.56
C GLY B 20 -4.89 -8.75 26.04
N GLN B 21 -4.31 -9.33 27.08
CA GLN B 21 -3.03 -8.86 27.61
C GLN B 21 -1.91 -9.42 26.73
N VAL B 22 -2.21 -10.50 26.01
CA VAL B 22 -1.19 -11.10 25.14
C VAL B 22 -1.13 -10.37 23.79
N ILE B 23 -2.28 -10.13 23.18
CA ILE B 23 -2.32 -9.44 21.90
C ILE B 23 -2.75 -8.00 22.19
N THR B 24 -1.78 -7.16 22.53
CA THR B 24 -2.04 -5.76 22.87
C THR B 24 -2.61 -4.96 21.71
N ASP B 25 -2.06 -5.16 20.51
CA ASP B 25 -2.57 -4.45 19.35
C ASP B 25 -2.30 -5.19 18.04
N LEU B 26 -2.69 -4.55 16.94
CA LEU B 26 -2.52 -5.13 15.61
C LEU B 26 -1.07 -5.50 15.37
N THR B 27 -0.17 -4.61 15.78
CA THR B 27 1.26 -4.85 15.60
C THR B 27 1.75 -6.12 16.30
N THR B 28 1.29 -6.33 17.52
CA THR B 28 1.68 -7.51 18.28
C THR B 28 1.15 -8.75 17.55
N ALA B 29 -0.09 -8.67 17.09
CA ALA B 29 -0.68 -9.80 16.39
C ALA B 29 0.20 -10.13 15.18
N VAL B 30 0.59 -9.12 14.42
CA VAL B 30 1.43 -9.33 13.25
C VAL B 30 2.77 -9.96 13.62
N LYS B 31 3.38 -9.46 14.70
CA LYS B 31 4.64 -10.03 15.14
C LYS B 31 4.49 -11.53 15.32
N GLU B 32 3.45 -11.93 16.04
CA GLU B 32 3.17 -13.34 16.33
C GLU B 32 3.03 -14.19 15.08
N LEU B 33 2.36 -13.64 14.07
CA LEU B 33 2.18 -14.36 12.81
C LEU B 33 3.48 -14.50 12.00
N VAL B 34 4.21 -13.40 11.85
CA VAL B 34 5.47 -13.44 11.11
C VAL B 34 6.42 -14.46 11.79
N ASP B 35 6.60 -14.29 13.11
CA ASP B 35 7.46 -15.19 13.89
C ASP B 35 7.11 -16.65 13.63
N ASN B 36 5.82 -16.97 13.66
CA ASN B 36 5.42 -18.33 13.42
C ASN B 36 5.81 -18.81 12.04
N SER B 37 5.62 -17.96 11.03
CA SER B 37 5.96 -18.32 9.66
C SER B 37 7.46 -18.57 9.58
N ILE B 38 8.27 -17.64 10.08
CA ILE B 38 9.71 -17.85 10.02
C ILE B 38 10.08 -19.15 10.72
N ASP B 39 9.45 -19.43 11.86
CA ASP B 39 9.72 -20.67 12.60
C ASP B 39 9.35 -21.88 11.75
N ALA B 40 8.43 -21.69 10.82
CA ALA B 40 7.99 -22.78 9.96
C ALA B 40 8.88 -22.97 8.75
N ASN B 41 10.02 -22.28 8.75
CA ASN B 41 10.98 -22.40 7.67
C ASN B 41 10.39 -21.98 6.34
N ALA B 42 9.71 -20.84 6.35
CA ALA B 42 9.14 -20.30 5.12
C ALA B 42 10.19 -19.41 4.52
N ASN B 43 10.21 -19.30 3.20
CA ASN B 43 11.15 -18.41 2.53
C ASN B 43 10.31 -17.35 1.81
N GLN B 44 9.00 -17.52 1.89
CA GLN B 44 8.10 -16.56 1.28
C GLN B 44 6.97 -16.19 2.25
N ILE B 45 6.85 -14.91 2.54
CA ILE B 45 5.81 -14.46 3.46
C ILE B 45 5.00 -13.31 2.89
N GLU B 46 3.70 -13.53 2.82
CA GLU B 46 2.79 -12.56 2.27
C GLU B 46 1.80 -12.17 3.34
N ILE B 47 1.58 -10.86 3.46
CA ILE B 47 0.68 -10.30 4.45
C ILE B 47 -0.34 -9.41 3.77
N ILE B 48 -1.60 -9.72 3.97
CA ILE B 48 -2.67 -8.94 3.36
C ILE B 48 -3.56 -8.31 4.41
N PHE B 49 -3.61 -6.98 4.42
CA PHE B 49 -4.44 -6.22 5.36
C PHE B 49 -5.73 -5.78 4.70
N LYS B 50 -6.84 -5.88 5.42
CA LYS B 50 -8.10 -5.38 4.89
C LYS B 50 -8.46 -4.16 5.73
N ASP B 51 -8.62 -3.04 5.05
CA ASP B 51 -8.89 -1.76 5.68
C ASP B 51 -7.89 -1.51 6.80
N TYR B 52 -6.61 -1.60 6.45
CA TYR B 52 -5.50 -1.36 7.37
C TYR B 52 -5.46 -2.19 8.65
N GLY B 53 -6.17 -3.30 8.69
CA GLY B 53 -6.18 -4.14 9.88
C GLY B 53 -7.52 -4.13 10.60
N LEU B 54 -8.27 -3.06 10.40
CA LEU B 54 -9.59 -2.93 11.02
C LEU B 54 -10.48 -4.11 10.68
N GLU B 55 -10.40 -4.56 9.44
CA GLU B 55 -11.20 -5.69 8.98
C GLU B 55 -10.48 -7.01 9.23
N SER B 56 -9.22 -7.09 8.84
CA SER B 56 -8.48 -8.32 9.04
C SER B 56 -7.03 -8.28 8.60
N ILE B 57 -6.29 -9.31 9.01
CA ILE B 57 -4.90 -9.43 8.62
C ILE B 57 -4.69 -10.87 8.27
N GLU B 58 -4.01 -11.11 7.17
CA GLU B 58 -3.75 -12.46 6.73
C GLU B 58 -2.25 -12.71 6.52
N CYS B 59 -1.76 -13.81 7.06
CA CYS B 59 -0.35 -14.11 6.90
C CYS B 59 -0.20 -15.45 6.17
N SER B 60 0.43 -15.41 5.01
CA SER B 60 0.65 -16.60 4.18
C SER B 60 2.11 -16.92 3.97
N ASP B 61 2.46 -18.18 4.21
CA ASP B 61 3.83 -18.60 4.04
C ASP B 61 3.87 -19.96 3.33
N ASN B 62 5.07 -20.35 2.90
CA ASN B 62 5.25 -21.63 2.23
C ASN B 62 6.06 -22.54 3.15
N GLY B 63 5.85 -22.39 4.46
CA GLY B 63 6.58 -23.19 5.42
C GLY B 63 6.14 -24.65 5.48
N ASP B 64 6.60 -25.33 6.52
CA ASP B 64 6.31 -26.75 6.73
C ASP B 64 4.84 -27.07 6.98
N GLY B 65 4.02 -26.07 7.28
CA GLY B 65 2.61 -26.34 7.54
C GLY B 65 2.37 -26.96 8.90
N ILE B 66 1.11 -27.20 9.24
CA ILE B 66 0.76 -27.76 10.55
C ILE B 66 0.37 -29.23 10.47
N ASP B 67 0.94 -30.05 11.35
CA ASP B 67 0.61 -31.46 11.35
C ASP B 67 -0.87 -31.66 11.70
N PRO B 68 -1.60 -32.39 10.86
CA PRO B 68 -3.03 -32.66 11.07
C PRO B 68 -3.35 -33.15 12.47
N SER B 69 -2.39 -33.78 13.12
CA SER B 69 -2.62 -34.31 14.46
C SER B 69 -2.67 -33.20 15.49
N ASN B 70 -2.15 -32.03 15.13
CA ASN B 70 -2.12 -30.88 16.03
C ASN B 70 -3.35 -29.98 15.90
N TYR B 71 -4.08 -30.11 14.79
CA TYR B 71 -5.29 -29.31 14.57
C TYR B 71 -6.11 -29.09 15.83
N GLU B 72 -6.50 -30.18 16.44
CA GLU B 72 -7.34 -30.17 17.63
C GLU B 72 -6.78 -29.50 18.87
N PHE B 73 -5.46 -29.45 19.00
CA PHE B 73 -4.83 -28.86 20.18
C PHE B 73 -3.97 -27.65 19.88
N LEU B 74 -4.07 -27.13 18.66
CA LEU B 74 -3.25 -26.00 18.29
C LEU B 74 -3.52 -24.72 19.08
N ALA B 75 -4.77 -24.34 19.24
CA ALA B 75 -5.11 -23.11 19.96
C ALA B 75 -5.76 -23.24 21.33
N LEU B 76 -5.69 -24.41 21.94
CA LEU B 76 -6.27 -24.59 23.26
C LEU B 76 -5.33 -24.02 24.32
N LYS B 77 -5.90 -23.55 25.43
CA LYS B 77 -5.09 -23.05 26.54
C LYS B 77 -4.74 -24.25 27.41
N HIS B 78 -3.51 -24.28 27.92
CA HIS B 78 -3.06 -25.38 28.74
C HIS B 78 -3.53 -25.25 30.19
N TYR B 79 -4.27 -26.25 30.65
CA TYR B 79 -4.78 -26.29 32.03
C TYR B 79 -4.52 -27.70 32.60
N THR B 80 -3.78 -27.80 33.71
CA THR B 80 -3.50 -29.10 34.33
C THR B 80 -4.81 -29.89 34.37
N SER B 81 -5.84 -29.23 34.89
CA SER B 81 -7.17 -29.80 35.02
C SER B 81 -7.70 -30.53 33.79
N LYS B 82 -7.53 -29.94 32.60
CA LYS B 82 -8.03 -30.55 31.37
C LYS B 82 -7.07 -31.57 30.75
N ILE B 83 -5.77 -31.41 31.01
CA ILE B 83 -4.80 -32.35 30.46
C ILE B 83 -4.95 -33.68 31.21
N ALA B 84 -5.12 -33.59 32.53
CA ALA B 84 -5.27 -34.78 33.37
C ALA B 84 -6.43 -35.66 32.93
N LYS B 85 -7.31 -35.10 32.11
CA LYS B 85 -8.47 -35.83 31.62
C LYS B 85 -8.12 -36.67 30.39
N PHE B 86 -6.82 -36.86 30.14
CA PHE B 86 -6.38 -37.67 29.00
C PHE B 86 -5.62 -38.89 29.51
N GLN B 87 -5.76 -40.01 28.81
CA GLN B 87 -5.06 -41.22 29.21
C GLN B 87 -3.57 -41.00 29.04
N ASP B 88 -3.17 -40.66 27.81
CA ASP B 88 -1.76 -40.42 27.55
C ASP B 88 -1.49 -38.93 27.68
N VAL B 89 -1.17 -38.51 28.90
CA VAL B 89 -0.87 -37.11 29.18
C VAL B 89 0.39 -36.68 28.45
N ALA B 90 1.40 -37.55 28.45
CA ALA B 90 2.67 -37.26 27.78
C ALA B 90 2.45 -36.96 26.30
N LYS B 91 1.64 -37.80 25.67
CA LYS B 91 1.29 -37.69 24.24
C LYS B 91 0.59 -36.38 23.88
N VAL B 92 -0.57 -36.11 24.49
CA VAL B 92 -1.31 -34.88 24.17
C VAL B 92 -0.47 -33.62 24.33
N GLN B 93 0.41 -33.59 25.31
CA GLN B 93 1.24 -32.40 25.54
C GLN B 93 2.36 -32.20 24.51
N THR B 94 2.33 -32.99 23.43
CA THR B 94 3.31 -32.86 22.36
C THR B 94 2.52 -32.60 21.10
N LEU B 95 1.19 -32.52 21.26
CA LEU B 95 0.32 -32.28 20.12
C LEU B 95 -0.18 -30.86 20.08
N GLY B 96 0.34 -30.01 20.96
CA GLY B 96 -0.11 -28.63 20.96
C GLY B 96 0.14 -27.86 22.23
N PHE B 97 -0.84 -27.05 22.62
CA PHE B 97 -0.74 -26.22 23.81
C PHE B 97 0.61 -25.48 23.86
N ARG B 98 1.14 -25.15 22.69
CA ARG B 98 2.40 -24.44 22.64
C ARG B 98 2.14 -22.95 22.58
N GLY B 99 3.04 -22.19 23.18
CA GLY B 99 2.93 -20.74 23.16
C GLY B 99 1.69 -20.14 23.77
N GLU B 100 1.40 -18.91 23.35
CA GLU B 100 0.25 -18.16 23.84
C GLU B 100 -0.46 -17.40 22.75
N ALA B 101 0.21 -17.24 21.61
CA ALA B 101 -0.36 -16.46 20.52
C ALA B 101 -1.66 -17.00 19.93
N LEU B 102 -1.63 -18.13 19.27
CA LEU B 102 -2.85 -18.61 18.67
C LEU B 102 -3.94 -18.77 19.71
N SER B 103 -3.54 -19.20 20.90
CA SER B 103 -4.47 -19.39 22.00
C SER B 103 -5.13 -18.06 22.37
N SER B 104 -4.36 -16.98 22.25
CA SER B 104 -4.87 -15.64 22.57
C SER B 104 -5.66 -15.00 21.44
N LEU B 105 -5.21 -15.17 20.20
CA LEU B 105 -5.93 -14.59 19.07
C LEU B 105 -7.32 -15.20 18.97
N CYS B 106 -7.52 -16.34 19.61
CA CYS B 106 -8.82 -17.00 19.60
C CYS B 106 -9.80 -16.28 20.49
N GLY B 107 -9.32 -15.90 21.68
CA GLY B 107 -10.15 -15.22 22.64
C GLY B 107 -10.55 -13.81 22.24
N ILE B 108 -9.65 -13.03 21.68
CA ILE B 108 -10.03 -11.67 21.31
C ILE B 108 -10.16 -11.36 19.83
N ALA B 109 -10.36 -12.39 19.00
CA ALA B 109 -10.53 -12.23 17.55
C ALA B 109 -11.12 -13.51 16.98
N LYS B 110 -11.31 -13.57 15.67
CA LYS B 110 -11.84 -14.76 15.01
C LYS B 110 -10.63 -15.37 14.31
N LEU B 111 -10.25 -16.59 14.67
CA LEU B 111 -9.08 -17.21 14.05
C LEU B 111 -9.40 -18.30 13.04
N SER B 112 -8.82 -18.20 11.85
CA SER B 112 -9.01 -19.21 10.80
C SER B 112 -7.65 -19.63 10.29
N VAL B 113 -7.54 -20.89 9.89
CA VAL B 113 -6.27 -21.40 9.37
C VAL B 113 -6.50 -22.32 8.16
N ILE B 114 -5.63 -22.20 7.16
CA ILE B 114 -5.69 -23.08 5.99
C ILE B 114 -4.27 -23.63 5.89
N THR B 115 -4.10 -24.93 6.07
CA THR B 115 -2.75 -25.50 6.07
C THR B 115 -2.57 -26.86 5.37
N THR B 116 -1.31 -27.25 5.21
CA THR B 116 -0.99 -28.53 4.58
C THR B 116 0.47 -28.97 4.74
N THR B 117 0.62 -30.23 5.14
CA THR B 117 1.93 -30.85 5.31
C THR B 117 2.06 -31.88 4.19
N SER B 118 1.16 -31.76 3.22
CA SER B 118 1.12 -32.68 2.10
C SER B 118 0.33 -32.05 0.96
N PRO B 119 0.91 -31.03 0.29
CA PRO B 119 0.24 -30.34 -0.82
C PRO B 119 -0.12 -31.32 -1.94
N PRO B 120 -1.22 -31.03 -2.67
CA PRO B 120 -2.10 -29.87 -2.51
C PRO B 120 -3.32 -30.15 -1.63
N LYS B 121 -3.35 -31.31 -0.98
CA LYS B 121 -4.47 -31.63 -0.10
C LYS B 121 -4.31 -30.70 1.09
N ALA B 122 -5.38 -29.99 1.43
CA ALA B 122 -5.30 -29.05 2.54
C ALA B 122 -6.59 -28.98 3.32
N ASP B 123 -6.51 -28.30 4.48
CA ASP B 123 -7.66 -28.12 5.34
C ASP B 123 -7.85 -26.67 5.72
N LYS B 124 -9.10 -26.31 6.00
CA LYS B 124 -9.43 -24.97 6.42
C LYS B 124 -10.05 -25.18 7.78
N LEU B 125 -9.48 -24.53 8.79
CA LEU B 125 -9.96 -24.67 10.15
C LEU B 125 -10.51 -23.36 10.73
N GLU B 126 -11.64 -23.46 11.41
CA GLU B 126 -12.26 -22.31 12.05
C GLU B 126 -12.23 -22.63 13.54
N TYR B 127 -11.56 -21.78 14.33
CA TYR B 127 -11.52 -22.01 15.77
C TYR B 127 -12.38 -20.99 16.48
N ASP B 128 -13.13 -21.44 17.49
CA ASP B 128 -13.95 -20.50 18.23
C ASP B 128 -13.08 -19.77 19.26
N MET B 129 -13.72 -18.93 20.04
CA MET B 129 -13.07 -18.12 21.05
C MET B 129 -12.24 -18.91 22.06
N VAL B 130 -12.57 -20.18 22.21
CA VAL B 130 -11.91 -21.04 23.19
C VAL B 130 -10.96 -22.11 22.62
N GLY B 131 -10.68 -22.05 21.33
CA GLY B 131 -9.76 -22.99 20.71
C GLY B 131 -10.33 -24.23 20.04
N HIS B 132 -11.63 -24.45 20.22
CA HIS B 132 -12.30 -25.59 19.63
C HIS B 132 -12.59 -25.35 18.15
N ILE B 133 -12.48 -26.42 17.37
CA ILE B 133 -12.70 -26.35 15.94
C ILE B 133 -14.18 -26.40 15.59
N THR B 134 -14.76 -25.25 15.24
CA THR B 134 -16.18 -25.20 14.90
C THR B 134 -16.46 -25.77 13.51
N SER B 135 -15.43 -25.89 12.68
CA SER B 135 -15.61 -26.44 11.34
C SER B 135 -14.30 -26.68 10.61
N LYS B 136 -14.20 -27.88 10.03
CA LYS B 136 -13.04 -28.33 9.27
C LYS B 136 -13.52 -28.55 7.83
N THR B 137 -12.97 -27.79 6.89
CA THR B 137 -13.36 -27.85 5.48
C THR B 137 -12.22 -28.31 4.56
N THR B 138 -12.54 -29.22 3.63
CA THR B 138 -11.54 -29.72 2.69
C THR B 138 -11.23 -28.68 1.62
N THR B 139 -9.95 -28.47 1.35
CA THR B 139 -9.54 -27.48 0.35
C THR B 139 -8.18 -27.86 -0.18
N SER B 140 -7.60 -27.00 -1.01
CA SER B 140 -6.28 -27.26 -1.55
C SER B 140 -5.44 -26.01 -1.41
N ARG B 141 -4.13 -26.19 -1.43
CA ARG B 141 -3.19 -25.08 -1.38
C ARG B 141 -1.78 -25.63 -1.40
N ASN B 142 -0.85 -24.85 -1.94
CA ASN B 142 0.54 -25.29 -2.00
C ASN B 142 1.06 -25.44 -0.57
N LYS B 143 2.25 -25.99 -0.43
CA LYS B 143 2.85 -26.19 0.89
C LYS B 143 2.81 -24.89 1.68
N GLY B 144 2.54 -24.99 2.98
CA GLY B 144 2.51 -23.78 3.79
C GLY B 144 1.26 -23.60 4.63
N THR B 145 1.12 -22.41 5.19
CA THR B 145 -0.01 -22.12 6.04
C THR B 145 -0.48 -20.69 5.84
N THR B 146 -1.78 -20.48 6.03
CA THR B 146 -2.40 -19.17 5.92
C THR B 146 -3.18 -18.92 7.21
N VAL B 147 -2.79 -17.90 7.96
CA VAL B 147 -3.51 -17.57 9.19
C VAL B 147 -4.27 -16.25 8.97
N LEU B 148 -5.55 -16.27 9.28
CA LEU B 148 -6.36 -15.09 9.10
C LEU B 148 -6.97 -14.62 10.42
N VAL B 149 -6.61 -13.42 10.85
CA VAL B 149 -7.14 -12.83 12.08
C VAL B 149 -8.10 -11.74 11.63
N SER B 150 -9.38 -11.88 11.96
CA SER B 150 -10.36 -10.89 11.54
C SER B 150 -11.16 -10.39 12.73
N GLN B 151 -11.77 -9.22 12.58
CA GLN B 151 -12.58 -8.64 13.63
C GLN B 151 -11.77 -8.56 14.93
N LEU B 152 -10.58 -8.01 14.82
CA LEU B 152 -9.71 -7.89 15.98
C LEU B 152 -10.31 -7.05 17.10
N PHE B 153 -10.23 -7.57 18.32
CA PHE B 153 -10.75 -6.89 19.51
C PHE B 153 -12.26 -6.67 19.44
N HIS B 154 -12.93 -7.52 18.67
CA HIS B 154 -14.38 -7.41 18.53
C HIS B 154 -15.11 -7.55 19.85
N ASN B 155 -14.46 -8.11 20.87
CA ASN B 155 -15.09 -8.27 22.17
C ASN B 155 -14.34 -7.52 23.27
N LEU B 156 -13.76 -6.38 22.90
CA LEU B 156 -13.05 -5.49 23.79
C LEU B 156 -13.43 -4.13 23.22
N PRO B 157 -14.72 -3.78 23.31
CA PRO B 157 -15.30 -2.54 22.81
C PRO B 157 -14.40 -1.33 22.96
N VAL B 158 -13.89 -1.14 24.17
CA VAL B 158 -13.01 -0.01 24.42
C VAL B 158 -11.77 -0.05 23.54
N ARG B 159 -11.06 -1.18 23.52
CA ARG B 159 -9.85 -1.28 22.70
C ARG B 159 -10.14 -1.16 21.21
N GLN B 160 -11.21 -1.82 20.76
CA GLN B 160 -11.58 -1.78 19.34
C GLN B 160 -11.84 -0.34 18.92
N LYS B 161 -12.62 0.36 19.73
CA LYS B 161 -12.95 1.76 19.44
C LYS B 161 -11.69 2.59 19.29
N GLU B 162 -10.73 2.40 20.19
CA GLU B 162 -9.47 3.13 20.15
C GLU B 162 -8.72 2.81 18.86
N PHE B 163 -8.83 1.57 18.42
CA PHE B 163 -8.16 1.12 17.19
C PHE B 163 -8.67 1.88 15.98
N SER B 164 -9.97 2.17 15.96
CA SER B 164 -10.55 2.91 14.85
C SER B 164 -10.09 4.35 14.79
N LYS B 165 -9.94 5.01 15.93
CA LYS B 165 -9.49 6.39 15.87
C LYS B 165 -7.98 6.53 15.85
N THR B 166 -7.26 5.42 15.77
CA THR B 166 -5.80 5.47 15.72
C THR B 166 -5.24 4.48 14.73
N PHE B 167 -6.09 3.87 13.90
CA PHE B 167 -5.60 2.87 12.96
C PHE B 167 -4.48 3.31 12.05
N LYS B 168 -4.49 4.57 11.62
CA LYS B 168 -3.45 5.07 10.74
C LYS B 168 -2.06 5.02 11.40
N ARG B 169 -1.97 5.51 12.63
CA ARG B 169 -0.70 5.50 13.35
C ARG B 169 -0.31 4.06 13.65
N GLN B 170 -1.29 3.27 14.07
CA GLN B 170 -1.06 1.86 14.41
C GLN B 170 -0.43 1.11 13.25
N PHE B 171 -0.96 1.33 12.05
CA PHE B 171 -0.45 0.66 10.86
C PHE B 171 1.00 1.02 10.66
N THR B 172 1.31 2.30 10.68
CA THR B 172 2.69 2.71 10.50
C THR B 172 3.55 2.04 11.58
N LYS B 173 3.03 1.94 12.80
CA LYS B 173 3.82 1.28 13.84
C LYS B 173 4.03 -0.17 13.44
N CYS B 174 2.97 -0.76 12.91
CA CYS B 174 3.00 -2.13 12.46
C CYS B 174 3.88 -2.30 11.22
N LEU B 175 3.97 -1.26 10.40
CA LEU B 175 4.78 -1.30 9.18
C LEU B 175 6.26 -1.27 9.56
N THR B 176 6.57 -0.45 10.54
CA THR B 176 7.94 -0.33 11.03
C THR B 176 8.46 -1.71 11.40
N VAL B 177 7.64 -2.45 12.14
CA VAL B 177 8.00 -3.79 12.56
C VAL B 177 8.13 -4.74 11.38
N ILE B 178 7.30 -4.55 10.36
CA ILE B 178 7.42 -5.44 9.21
C ILE B 178 8.72 -5.12 8.47
N GLN B 179 9.08 -3.83 8.44
CA GLN B 179 10.32 -3.43 7.79
C GLN B 179 11.51 -4.09 8.50
N GLY B 180 11.42 -4.18 9.83
CA GLY B 180 12.49 -4.80 10.59
C GLY B 180 12.73 -6.26 10.19
N TYR B 181 11.66 -7.02 10.08
CA TYR B 181 11.78 -8.42 9.72
C TYR B 181 12.32 -8.57 8.30
N ALA B 182 11.88 -7.69 7.41
CA ALA B 182 12.28 -7.75 6.01
C ALA B 182 13.73 -7.36 5.74
N ILE B 183 14.25 -6.42 6.51
CA ILE B 183 15.62 -6.00 6.26
C ILE B 183 16.64 -7.06 6.68
N ILE B 184 16.39 -7.79 7.75
CA ILE B 184 17.34 -8.79 8.20
C ILE B 184 17.15 -10.16 7.57
N ASN B 185 15.93 -10.48 7.17
CA ASN B 185 15.67 -11.79 6.58
C ASN B 185 15.82 -11.85 5.05
N ALA B 186 17.07 -11.84 4.63
CA ALA B 186 17.47 -11.90 3.23
C ALA B 186 16.96 -13.15 2.53
N ALA B 187 17.02 -14.28 3.22
CA ALA B 187 16.57 -15.56 2.66
C ALA B 187 15.05 -15.64 2.57
N ILE B 188 14.37 -14.55 2.89
CA ILE B 188 12.92 -14.52 2.88
C ILE B 188 12.32 -13.41 2.03
N LYS B 189 11.29 -13.74 1.26
CA LYS B 189 10.61 -12.74 0.44
C LYS B 189 9.35 -12.26 1.13
N PHE B 190 9.28 -10.97 1.42
CA PHE B 190 8.10 -10.40 2.06
C PHE B 190 7.29 -9.58 1.06
N SER B 191 5.98 -9.61 1.23
CA SER B 191 5.05 -8.87 0.38
C SER B 191 3.93 -8.39 1.29
N VAL B 192 3.58 -7.12 1.17
CA VAL B 192 2.51 -6.60 2.00
C VAL B 192 1.58 -5.72 1.20
N TRP B 193 0.31 -6.08 1.23
CA TRP B 193 -0.69 -5.30 0.52
C TRP B 193 -1.78 -4.88 1.50
N ASN B 194 -2.54 -3.86 1.09
CA ASN B 194 -3.66 -3.40 1.88
C ASN B 194 -4.82 -3.28 0.92
N ILE B 195 -5.89 -4.00 1.20
CA ILE B 195 -7.06 -3.96 0.35
C ILE B 195 -8.01 -2.93 0.94
N THR B 196 -8.27 -1.86 0.19
CA THR B 196 -9.13 -0.78 0.65
C THR B 196 -10.61 -1.12 0.53
N PRO B 197 -11.43 -0.59 1.44
CA PRO B 197 -12.87 -0.86 1.40
C PRO B 197 -13.46 -0.57 0.02
N LYS B 198 -12.79 0.33 -0.71
CA LYS B 198 -13.23 0.70 -2.05
C LYS B 198 -12.76 -0.27 -3.13
N GLY B 199 -12.27 -1.43 -2.72
CA GLY B 199 -11.82 -2.41 -3.68
C GLY B 199 -10.45 -2.24 -4.31
N LYS B 200 -9.55 -1.53 -3.64
CA LYS B 200 -8.21 -1.37 -4.18
C LYS B 200 -7.19 -2.25 -3.45
N LYS B 201 -6.35 -2.91 -4.24
CA LYS B 201 -5.29 -3.78 -3.73
C LYS B 201 -4.06 -2.89 -3.84
N ASN B 202 -3.73 -2.23 -2.75
CA ASN B 202 -2.60 -1.32 -2.71
C ASN B 202 -1.33 -2.00 -2.18
N LEU B 203 -0.33 -2.12 -3.04
CA LEU B 203 0.91 -2.77 -2.61
C LEU B 203 1.56 -1.84 -1.61
N ILE B 204 2.01 -2.41 -0.50
CA ILE B 204 2.64 -1.64 0.55
C ILE B 204 4.16 -1.86 0.63
N LEU B 205 4.59 -3.13 0.61
CA LEU B 205 6.02 -3.45 0.70
C LEU B 205 6.37 -4.76 -0.03
N SER B 206 7.60 -4.83 -0.51
CA SER B 206 8.07 -6.04 -1.19
C SER B 206 9.58 -6.15 -1.28
N THR B 207 10.10 -7.33 -0.97
CA THR B 207 11.53 -7.58 -1.06
C THR B 207 11.73 -8.86 -1.86
N MET B 208 12.89 -8.98 -2.48
CA MET B 208 13.20 -10.14 -3.30
C MET B 208 13.84 -11.24 -2.45
N ARG B 209 13.54 -12.49 -2.79
CA ARG B 209 14.11 -13.61 -2.06
C ARG B 209 15.61 -13.56 -2.30
N ASN B 210 16.40 -13.99 -1.31
CA ASN B 210 17.86 -14.00 -1.41
C ASN B 210 18.48 -12.62 -1.67
N SER B 211 18.07 -11.62 -0.90
CA SER B 211 18.58 -10.26 -1.06
C SER B 211 19.46 -9.85 0.11
N SER B 212 20.60 -9.23 -0.18
CA SER B 212 21.48 -8.78 0.89
C SER B 212 20.72 -7.71 1.68
N MET B 213 21.19 -7.43 2.89
CA MET B 213 20.58 -6.41 3.74
C MET B 213 20.48 -5.08 2.98
N ARG B 214 21.51 -4.79 2.21
CA ARG B 214 21.55 -3.56 1.42
C ARG B 214 20.41 -3.50 0.43
N LYS B 215 20.31 -4.51 -0.43
CA LYS B 215 19.25 -4.54 -1.42
C LYS B 215 17.90 -4.33 -0.74
N ASN B 216 17.74 -4.92 0.45
CA ASN B 216 16.48 -4.79 1.19
C ASN B 216 16.27 -3.41 1.81
N ILE B 217 17.32 -2.76 2.26
CA ILE B 217 17.15 -1.43 2.85
C ILE B 217 16.73 -0.51 1.72
N SER B 218 17.31 -0.73 0.54
CA SER B 218 16.99 0.09 -0.63
C SER B 218 15.57 -0.10 -1.13
N SER B 219 15.04 -1.31 -0.97
CA SER B 219 13.68 -1.61 -1.37
C SER B 219 12.72 -1.03 -0.34
N VAL B 220 13.02 -1.29 0.91
CA VAL B 220 12.20 -0.86 2.02
C VAL B 220 12.25 0.64 2.34
N PHE B 221 13.29 1.33 1.90
CA PHE B 221 13.40 2.75 2.20
C PHE B 221 13.80 3.63 1.02
N GLY B 222 13.60 3.11 -0.18
CA GLY B 222 13.93 3.86 -1.39
C GLY B 222 15.41 4.21 -1.47
N ALA B 223 15.75 4.99 -2.50
CA ALA B 223 17.13 5.41 -2.74
C ALA B 223 17.69 6.27 -1.61
N GLY B 224 16.81 6.92 -0.85
CA GLY B 224 17.30 7.73 0.25
C GLY B 224 17.70 6.83 1.40
N GLY B 225 17.24 5.58 1.35
CA GLY B 225 17.55 4.62 2.39
C GLY B 225 19.03 4.42 2.65
N MET B 226 19.82 4.42 1.58
CA MET B 226 21.26 4.23 1.67
C MET B 226 22.04 5.55 1.80
N ARG B 227 21.43 6.65 1.36
CA ARG B 227 22.08 7.96 1.41
C ARG B 227 22.59 8.23 2.82
N GLY B 228 23.91 8.37 2.96
CA GLY B 228 24.49 8.64 4.26
C GLY B 228 24.91 7.39 5.01
N LEU B 229 24.60 6.23 4.44
CA LEU B 229 24.94 4.95 5.06
C LEU B 229 26.32 4.44 4.67
N GLU B 230 26.95 3.73 5.59
CA GLU B 230 28.27 3.15 5.39
C GLU B 230 28.27 1.77 6.03
N GLU B 231 28.83 0.79 5.34
CA GLU B 231 28.89 -0.56 5.86
C GLU B 231 29.65 -0.64 7.18
N VAL B 232 29.19 -1.52 8.04
CA VAL B 232 29.81 -1.74 9.35
C VAL B 232 30.20 -3.21 9.38
N ASP B 233 31.47 -3.47 9.71
CA ASP B 233 31.99 -4.84 9.78
C ASP B 233 32.92 -4.91 10.99
N LEU B 234 32.35 -5.12 12.17
CA LEU B 234 33.13 -5.17 13.41
C LEU B 234 33.23 -6.54 14.07
N VAL B 235 34.30 -6.73 14.83
CA VAL B 235 34.52 -7.98 15.55
C VAL B 235 34.97 -7.67 16.99
N LEU B 236 34.04 -7.74 17.93
CA LEU B 236 34.34 -7.48 19.33
C LEU B 236 34.87 -8.76 19.99
N ASP B 237 36.17 -8.82 20.22
CA ASP B 237 36.74 -9.99 20.86
C ASP B 237 36.45 -9.88 22.35
N LEU B 238 35.62 -10.79 22.87
CA LEU B 238 35.24 -10.73 24.27
C LEU B 238 35.75 -11.92 25.09
N ASN B 239 36.60 -12.76 24.50
CA ASN B 239 37.15 -13.94 25.17
C ASN B 239 37.75 -13.70 26.57
N PRO B 240 38.53 -12.62 26.74
CA PRO B 240 39.11 -12.37 28.06
C PRO B 240 38.11 -11.75 29.03
N PHE B 241 36.82 -11.74 28.67
CA PHE B 241 35.80 -11.15 29.53
C PHE B 241 34.74 -12.12 30.03
N LYS B 242 34.84 -13.40 29.68
CA LYS B 242 33.86 -14.36 30.18
C LYS B 242 34.21 -14.64 31.64
N ASN B 243 33.19 -14.59 32.50
CA ASN B 243 33.37 -14.75 33.95
C ASN B 243 33.37 -16.11 34.64
N ARG B 244 32.43 -16.99 34.32
CA ARG B 244 32.36 -18.29 35.00
C ARG B 244 33.24 -19.42 34.43
N MET B 245 34.35 -19.70 35.11
CA MET B 245 35.29 -20.75 34.67
C MET B 245 34.56 -22.06 34.41
N LEU B 246 35.03 -22.79 33.39
CA LEU B 246 34.43 -24.07 32.98
C LEU B 246 33.72 -24.83 34.09
N LEU B 256 38.72 -26.92 23.29
CA LEU B 256 37.37 -26.83 22.74
C LEU B 256 36.51 -25.86 23.53
N ASP B 257 37.10 -24.72 23.92
CA ASP B 257 36.39 -23.69 24.69
C ASP B 257 35.57 -22.79 23.74
N LEU B 258 34.69 -21.98 24.33
CA LEU B 258 33.84 -21.08 23.53
C LEU B 258 34.59 -19.83 23.02
N ASP B 259 34.59 -19.66 21.69
CA ASP B 259 35.23 -18.50 21.06
C ASP B 259 34.24 -17.34 21.17
N TYR B 260 34.41 -16.54 22.22
CA TYR B 260 33.50 -15.41 22.46
C TYR B 260 33.80 -14.16 21.64
N LYS B 261 33.54 -14.25 20.34
CA LYS B 261 33.74 -13.14 19.42
C LYS B 261 32.38 -12.69 18.87
N ILE B 262 32.14 -11.39 18.87
CA ILE B 262 30.89 -10.86 18.36
C ILE B 262 31.10 -10.14 17.05
N ARG B 263 30.52 -10.68 15.99
CA ARG B 263 30.63 -10.08 14.68
C ARG B 263 29.45 -9.12 14.48
N VAL B 264 29.77 -7.84 14.29
CA VAL B 264 28.75 -6.81 14.08
C VAL B 264 28.78 -6.34 12.62
N LYS B 265 27.75 -6.72 11.87
CA LYS B 265 27.66 -6.36 10.46
C LYS B 265 26.36 -5.63 10.17
N GLY B 266 26.43 -4.73 9.19
CA GLY B 266 25.25 -3.97 8.83
C GLY B 266 25.61 -2.59 8.29
N TYR B 267 24.75 -1.62 8.57
CA TYR B 267 25.00 -0.26 8.11
C TYR B 267 24.53 0.75 9.15
N ILE B 268 25.18 1.91 9.16
CA ILE B 268 24.84 2.97 10.08
C ILE B 268 25.20 4.28 9.41
N SER B 269 24.48 5.34 9.76
CA SER B 269 24.74 6.64 9.17
C SER B 269 26.13 7.13 9.49
N GLN B 270 26.78 7.73 8.49
CA GLN B 270 28.11 8.26 8.70
C GLN B 270 27.96 9.57 9.49
N ASN B 271 28.93 9.84 10.36
CA ASN B 271 28.90 11.04 11.21
C ASN B 271 28.94 12.34 10.43
N SER B 272 29.26 12.25 9.15
CA SER B 272 29.32 13.44 8.30
C SER B 272 28.10 14.33 8.59
N PHE B 273 28.34 15.62 8.78
CA PHE B 273 27.28 16.58 9.07
C PHE B 273 26.08 16.42 8.14
N GLY B 274 24.89 16.35 8.72
CA GLY B 274 23.69 16.21 7.92
C GLY B 274 23.29 14.80 7.55
N CYS B 275 24.28 13.95 7.25
CA CYS B 275 24.03 12.57 6.85
C CYS B 275 23.22 11.75 7.85
N GLY B 276 22.93 12.30 9.02
CA GLY B 276 22.18 11.58 10.03
C GLY B 276 20.68 11.70 9.89
N ARG B 277 19.98 11.61 11.02
CA ARG B 277 18.52 11.71 11.06
C ARG B 277 18.08 12.70 12.15
N ASN B 278 16.96 13.37 11.93
CA ASN B 278 16.43 14.34 12.88
C ASN B 278 15.72 13.61 14.02
N SER B 279 15.40 12.35 13.78
CA SER B 279 14.71 11.54 14.77
C SER B 279 15.27 10.13 14.86
N LYS B 280 15.23 9.56 16.05
CA LYS B 280 15.70 8.20 16.26
C LYS B 280 14.56 7.30 15.80
N ASP B 281 13.99 7.64 14.64
CA ASP B 281 12.86 6.91 14.09
C ASP B 281 13.23 5.75 13.17
N ARG B 282 14.52 5.59 12.88
CA ARG B 282 14.94 4.52 11.99
C ARG B 282 16.12 3.73 12.55
N GLN B 283 15.89 3.03 13.66
CA GLN B 283 16.95 2.24 14.29
C GLN B 283 16.56 0.77 14.49
N PHE B 284 17.28 -0.13 13.84
CA PHE B 284 17.03 -1.58 13.93
C PHE B 284 18.27 -2.34 14.39
N ILE B 285 18.09 -3.22 15.37
CA ILE B 285 19.20 -4.03 15.89
C ILE B 285 18.80 -5.49 15.93
N TYR B 286 19.70 -6.34 15.48
CA TYR B 286 19.41 -7.77 15.46
C TYR B 286 20.51 -8.60 16.10
N VAL B 287 20.09 -9.66 16.78
CA VAL B 287 21.01 -10.59 17.40
C VAL B 287 20.61 -11.93 16.80
N ASN B 288 21.51 -12.46 15.96
CA ASN B 288 21.27 -13.72 15.26
C ASN B 288 19.98 -13.63 14.43
N LYS B 289 19.96 -12.63 13.55
CA LYS B 289 18.86 -12.37 12.61
C LYS B 289 17.43 -12.25 13.15
N ARG B 290 17.27 -11.78 14.38
CA ARG B 290 15.93 -11.64 14.93
C ARG B 290 15.78 -10.29 15.61
N PRO B 291 14.73 -9.52 15.25
CA PRO B 291 14.54 -8.22 15.88
C PRO B 291 14.54 -8.41 17.38
N VAL B 292 15.34 -7.61 18.07
CA VAL B 292 15.42 -7.71 19.51
C VAL B 292 15.36 -6.29 20.08
N GLU B 293 14.84 -6.17 21.30
CA GLU B 293 14.71 -4.87 21.96
C GLU B 293 15.93 -4.60 22.84
N TYR B 294 17.01 -4.14 22.21
CA TYR B 294 18.26 -3.83 22.93
C TYR B 294 18.29 -2.36 23.34
N SER B 295 17.54 -1.99 24.38
CA SER B 295 17.51 -0.60 24.83
C SER B 295 18.92 -0.08 25.12
N THR B 296 19.67 -0.85 25.92
CA THR B 296 21.02 -0.48 26.30
C THR B 296 21.97 -0.22 25.13
N LEU B 297 22.03 -1.13 24.16
CA LEU B 297 22.91 -0.96 23.01
C LEU B 297 22.55 0.24 22.13
N LEU B 298 21.28 0.63 22.14
CA LEU B 298 20.88 1.78 21.34
C LEU B 298 21.37 3.04 22.02
N LYS B 299 21.17 3.12 23.34
CA LYS B 299 21.62 4.27 24.10
C LYS B 299 23.08 4.49 23.72
N CYS B 300 23.88 3.43 23.82
CA CYS B 300 25.28 3.53 23.48
C CYS B 300 25.49 4.07 22.07
N CYS B 301 24.76 3.51 21.10
CA CYS B 301 24.86 3.96 19.72
C CYS B 301 24.64 5.46 19.64
N ASN B 302 23.52 5.90 20.19
CA ASN B 302 23.15 7.31 20.20
C ASN B 302 24.19 8.26 20.78
N GLU B 303 24.67 7.96 21.98
CA GLU B 303 25.66 8.82 22.62
C GLU B 303 26.95 8.92 21.80
N VAL B 304 27.52 7.76 21.46
CA VAL B 304 28.75 7.69 20.68
C VAL B 304 28.60 8.49 19.38
N TYR B 305 27.41 8.50 18.82
CA TYR B 305 27.16 9.23 17.57
C TYR B 305 27.07 10.74 17.82
N LYS B 306 26.44 11.12 18.93
CA LYS B 306 26.30 12.52 19.28
C LYS B 306 27.68 13.20 19.24
N THR B 307 28.65 12.58 19.91
CA THR B 307 29.99 13.10 19.96
C THR B 307 30.55 13.50 18.60
N PHE B 308 29.97 12.97 17.52
CA PHE B 308 30.44 13.29 16.17
C PHE B 308 29.47 14.20 15.44
N ASN B 309 28.20 14.13 15.84
CA ASN B 309 27.13 14.92 15.24
C ASN B 309 26.03 15.07 16.30
N ASN B 310 26.10 16.15 17.08
CA ASN B 310 25.14 16.42 18.16
C ASN B 310 23.68 16.60 17.73
N VAL B 311 23.48 17.42 16.70
CA VAL B 311 22.13 17.72 16.19
C VAL B 311 21.42 16.66 15.34
N GLN B 312 21.77 15.38 15.50
CA GLN B 312 21.13 14.31 14.73
C GLN B 312 21.31 12.94 15.34
N PHE B 313 20.40 12.02 15.00
CA PHE B 313 20.45 10.65 15.47
C PHE B 313 20.81 9.76 14.29
N PRO B 314 21.55 8.67 14.54
CA PRO B 314 21.96 7.77 13.47
C PRO B 314 20.92 6.75 13.05
N ALA B 315 20.87 6.47 11.75
CA ALA B 315 19.97 5.44 11.23
C ALA B 315 20.75 4.14 11.53
N VAL B 316 20.09 3.15 12.11
CA VAL B 316 20.78 1.91 12.46
C VAL B 316 20.21 0.63 11.86
N PHE B 317 21.14 -0.24 11.46
CA PHE B 317 20.84 -1.54 10.88
C PHE B 317 22.02 -2.42 11.25
N LEU B 318 22.06 -2.89 12.48
CA LEU B 318 23.17 -3.71 12.92
C LEU B 318 22.78 -5.08 13.41
N ASN B 319 23.50 -6.08 12.93
CA ASN B 319 23.26 -7.44 13.35
C ASN B 319 24.42 -7.92 14.20
N LEU B 320 24.11 -8.38 15.41
CA LEU B 320 25.10 -8.92 16.33
C LEU B 320 25.01 -10.43 16.19
N GLU B 321 26.08 -11.00 15.64
CA GLU B 321 26.16 -12.44 15.43
C GLU B 321 27.10 -13.03 16.48
N LEU B 322 26.60 -14.03 17.22
CA LEU B 322 27.41 -14.69 18.24
C LEU B 322 26.71 -15.97 18.68
N PRO B 323 27.42 -16.82 19.43
CA PRO B 323 26.80 -18.08 19.88
C PRO B 323 25.70 -17.82 20.92
N MET B 324 24.53 -18.44 20.74
CA MET B 324 23.42 -18.26 21.67
C MET B 324 23.77 -18.76 23.06
N SER B 325 24.74 -19.67 23.09
CA SER B 325 25.20 -20.27 24.33
C SER B 325 25.63 -19.19 25.33
N LEU B 326 26.03 -18.03 24.80
CA LEU B 326 26.46 -16.91 25.62
C LEU B 326 25.34 -15.86 25.68
N ILE B 327 24.13 -16.31 25.41
CA ILE B 327 22.95 -15.45 25.41
C ILE B 327 21.89 -16.00 26.37
N ASP B 328 21.27 -15.11 27.15
CA ASP B 328 20.24 -15.53 28.10
C ASP B 328 18.87 -15.34 27.44
N PRO B 333 6.49 -9.70 30.98
CA PRO B 333 5.29 -10.05 30.23
C PRO B 333 5.45 -9.82 28.73
N ASP B 334 6.60 -9.28 28.33
CA ASP B 334 6.86 -8.99 26.93
C ASP B 334 7.53 -10.14 26.18
N LYS B 335 8.39 -9.79 25.21
CA LYS B 335 9.04 -10.78 24.37
C LYS B 335 10.50 -11.13 24.63
N ARG B 336 11.26 -11.17 23.54
CA ARG B 336 12.68 -11.49 23.55
C ARG B 336 13.56 -10.36 24.07
N VAL B 337 13.51 -10.16 25.38
CA VAL B 337 14.35 -9.16 26.03
C VAL B 337 15.62 -9.97 26.28
N ILE B 338 16.62 -9.78 25.43
CA ILE B 338 17.85 -10.53 25.56
C ILE B 338 18.95 -9.84 26.35
N LEU B 339 19.72 -10.63 27.09
CA LEU B 339 20.82 -10.13 27.87
C LEU B 339 22.02 -11.02 27.54
N LEU B 340 23.10 -10.40 27.08
CA LEU B 340 24.30 -11.15 26.72
C LEU B 340 25.20 -11.40 27.93
N HIS B 341 26.16 -12.29 27.76
CA HIS B 341 27.10 -12.66 28.82
C HIS B 341 28.07 -11.52 29.13
N ASN B 342 27.94 -10.95 30.33
CA ASN B 342 28.79 -9.84 30.75
C ASN B 342 28.46 -8.66 29.83
N GLU B 343 27.18 -8.31 29.75
CA GLU B 343 26.76 -7.22 28.88
C GLU B 343 27.48 -5.91 29.15
N ARG B 344 27.90 -5.69 30.39
CA ARG B 344 28.61 -4.47 30.75
C ARG B 344 29.89 -4.30 29.93
N ALA B 345 30.66 -5.39 29.80
CA ALA B 345 31.90 -5.35 29.03
C ALA B 345 31.53 -5.10 27.57
N VAL B 346 30.63 -5.90 27.03
CA VAL B 346 30.18 -5.74 25.64
C VAL B 346 29.91 -4.26 25.36
N ILE B 347 29.02 -3.68 26.12
CA ILE B 347 28.66 -2.28 25.96
C ILE B 347 29.89 -1.37 25.85
N ASP B 348 30.94 -1.68 26.61
CA ASP B 348 32.15 -0.87 26.60
C ASP B 348 33.07 -1.11 25.40
N ILE B 349 33.23 -2.38 25.03
CA ILE B 349 34.07 -2.71 23.90
C ILE B 349 33.41 -2.23 22.60
N PHE B 350 32.09 -2.18 22.61
CA PHE B 350 31.35 -1.72 21.45
C PHE B 350 31.47 -0.20 21.35
N LYS B 351 31.21 0.48 22.47
CA LYS B 351 31.27 1.93 22.52
C LYS B 351 32.57 2.47 21.94
N THR B 352 33.69 1.91 22.35
CA THR B 352 34.98 2.39 21.85
C THR B 352 35.24 1.90 20.42
N THR B 353 34.80 0.68 20.11
CA THR B 353 34.99 0.09 18.78
C THR B 353 34.24 0.88 17.71
N LEU B 354 33.04 1.33 18.06
CA LEU B 354 32.24 2.11 17.12
C LEU B 354 32.85 3.50 17.03
N SER B 355 33.08 4.11 18.19
CA SER B 355 33.67 5.44 18.26
C SER B 355 34.89 5.53 17.36
N ASP B 356 35.83 4.60 17.54
CA ASP B 356 37.03 4.59 16.73
C ASP B 356 36.72 4.26 15.27
N TYR B 357 35.53 3.70 15.01
CA TYR B 357 35.12 3.39 13.64
C TYR B 357 34.73 4.71 12.98
N TYR B 358 34.09 5.57 13.75
CA TYR B 358 33.68 6.88 13.24
C TYR B 358 34.91 7.78 13.07
N ASN B 359 35.84 7.75 14.03
CA ASN B 359 37.06 8.55 13.93
C ASN B 359 37.76 8.23 12.62
N ARG B 360 37.81 6.95 12.29
CA ARG B 360 38.43 6.50 11.05
C ARG B 360 37.64 6.94 9.82
N GLN B 361 36.36 7.23 10.03
CA GLN B 361 35.51 7.65 8.93
C GLN B 361 35.74 9.13 8.62
N GLU B 362 36.02 9.91 9.65
CA GLU B 362 36.26 11.32 9.45
C GLU B 362 37.51 11.51 8.60
N LEU B 363 38.56 10.74 8.90
CA LEU B 363 39.82 10.83 8.17
C LEU B 363 39.62 10.49 6.70
N ALA B 364 38.42 10.02 6.36
CA ALA B 364 38.09 9.67 4.98
C ALA B 364 37.64 10.91 4.21
PG ANP C . -1.95 4.38 -6.13
O1G ANP C . -1.26 5.61 -6.54
O2G ANP C . -3.39 4.48 -6.22
O3G ANP C . -1.47 3.15 -6.81
PB ANP C . -1.62 5.32 -3.42
O1B ANP C . -1.58 4.64 -2.10
O2B ANP C . -2.65 6.34 -3.57
N3B ANP C . -1.63 4.18 -4.56
PA ANP C . 0.26 7.52 -3.90
O1A ANP C . -0.58 8.06 -4.97
O2A ANP C . 1.74 7.66 -4.00
O3A ANP C . -0.19 6.00 -3.62
O5' ANP C . 0.04 8.35 -2.53
C5' ANP C . -0.19 7.56 -1.39
C4' ANP C . -0.45 7.93 0.02
O4' ANP C . -0.35 9.35 0.22
C3' ANP C . -1.89 7.57 0.07
O3' ANP C . -2.03 6.15 0.28
C2' ANP C . -2.45 8.53 1.11
O2' ANP C . -2.35 7.94 2.39
C1' ANP C . -1.54 9.77 0.88
N9 ANP C . -2.10 10.87 0.03
C8 ANP C . -1.72 11.36 -1.22
N7 ANP C . -2.43 12.34 -1.70
C5 ANP C . -3.35 12.55 -0.69
C6 ANP C . -4.46 13.47 -0.51
N6 ANP C . -4.76 14.38 -1.42
N1 ANP C . -5.24 13.41 0.65
C2 ANP C . -4.95 12.49 1.62
N3 ANP C . -3.94 11.58 1.54
C4 ANP C . -3.19 11.64 0.38
MG MG D . -2.43 7.22 -5.70
PG ANP E . 6.09 -18.67 20.54
O1G ANP E . 5.11 -17.93 19.72
O2G ANP E . 7.37 -18.79 19.89
O3G ANP E . 6.27 -18.16 21.94
PB ANP E . 4.72 -20.98 19.54
O1B ANP E . 4.79 -22.43 19.86
O2B ANP E . 5.10 -20.60 18.19
N3B ANP E . 5.50 -20.17 20.68
PA ANP E . 2.10 -19.91 18.86
O1A ANP E . 2.72 -18.77 18.21
O2A ANP E . 0.78 -19.74 19.55
O3A ANP E . 3.19 -20.59 19.80
O5' ANP E . 1.67 -21.00 17.79
C5' ANP E . 1.97 -22.30 18.12
C4' ANP E . 1.77 -23.54 17.33
O4' ANP E . 0.94 -23.28 16.18
C3' ANP E . 3.17 -23.71 16.87
O3' ANP E . 3.94 -24.38 17.89
C2' ANP E . 3.00 -24.41 15.56
O2' ANP E . 3.00 -25.80 15.83
C1' ANP E . 1.66 -23.80 15.06
N9 ANP E . 1.70 -22.67 14.08
C8 ANP E . 1.33 -21.35 14.19
N7 ANP E . 1.49 -20.61 13.14
C5 ANP E . 2.03 -21.50 12.23
C6 ANP E . 2.47 -21.40 10.86
N6 ANP E . 2.40 -20.26 10.18
N1 ANP E . 2.98 -22.52 10.19
C2 ANP E . 3.07 -23.73 10.85
N3 ANP E . 2.68 -23.92 12.14
C4 ANP E . 2.18 -22.78 12.78
MG MG F . 4.60 -18.63 18.13
#